data_2PYO
#
_entry.id   2PYO
#
_cell.length_a   106.030
_cell.length_b   182.040
_cell.length_c   109.420
_cell.angle_alpha   90.00
_cell.angle_beta   90.00
_cell.angle_gamma   90.00
#
_symmetry.space_group_name_H-M   'P 21 21 21'
#
loop_
_entity.id
_entity.type
_entity.pdbx_description
1 polymer 'DNA (147-MER)'
2 polymer 'DNA (147-MER)'
3 polymer 'Histone H3'
4 polymer 'Histone H4'
5 polymer 'Histone H2A'
6 polymer 'Histone H2B'
7 non-polymer 'MANGANESE (II) ION'
8 non-polymer 'CHLORIDE ION'
9 water water
#
loop_
_entity_poly.entity_id
_entity_poly.type
_entity_poly.pdbx_seq_one_letter_code
_entity_poly.pdbx_strand_id
1 'polydeoxyribonucleotide'
;(DA)(DT)(DC)(DA)(DA)(DT)(DA)(DT)(DC)(DC)(DA)(DC)(DC)(DT)(DG)(DC)(DA)(DG)(DA)(DT)
(DA)(DC)(DT)(DA)(DC)(DC)(DA)(DA)(DA)(DA)(DG)(DT)(DG)(DT)(DA)(DT)(DT)(DT)(DG)(DG)
(DA)(DA)(DA)(DC)(DT)(DG)(DC)(DT)(DC)(DC)(DA)(DT)(DC)(DA)(DA)(DA)(DA)(DG)(DG)(DC)
(DA)(DT)(DG)(DT)(DT)(DC)(DA)(DG)(DC)(DT)(DG)(DG)(DA)(DA)(DT)(DC)(DC)(DA)(DG)(DC)
(DT)(DG)(DA)(DA)(DC)(DA)(DT)(DG)(DC)(DC)(DT)(DT)(DT)(DT)(DG)(DA)(DT)(DG)(DG)(DA)
(DG)(DC)(DA)(DG)(DT)(DT)(DT)(DC)(DC)(DA)(DA)(DA)(DT)(DA)(DC)(DA)(DC)(DT)(DT)(DT)
(DT)(DG)(DG)(DT)(DA)(DG)(DT)(DA)(DT)(DC)(DT)(DG)(DC)(DA)(DG)(DG)(DT)(DG)(DG)(DA)
(DT)(DA)(DT)(DT)(DG)(DA)(DT)
;
I
2 'polydeoxyribonucleotide'
;(DA)(DT)(DC)(DA)(DA)(DT)(DA)(DT)(DC)(DC)(DA)(DC)(DC)(DT)(DG)(DC)(DA)(DG)(DA)(DT)
(DA)(DC)(DT)(DA)(DC)(DC)(DA)(DA)(DA)(DA)(DG)(DT)(DG)(DT)(DA)(DT)(DT)(DT)(DG)(DG)
(DA)(DA)(DA)(DC)(DT)(DG)(DC)(DT)(DC)(DC)(DA)(DT)(DC)(DA)(DA)(DA)(DA)(DG)(DG)(DC)
(DA)(DT)(DG)(DT)(DT)(DC)(DA)(DG)(DC)(DT)(DG)(DG)(DA)(DT)(DT)(DC)(DC)(DA)(DG)(DC)
(DT)(DG)(DA)(DA)(DC)(DA)(DT)(DG)(DC)(DC)(DT)(DT)(DT)(DT)(DG)(DA)(DT)(DG)(DG)(DA)
(DG)(DC)(DA)(DG)(DT)(DT)(DT)(DC)(DC)(DA)(DA)(DA)(DT)(DA)(DC)(DA)(DC)(DT)(DT)(DT)
(DT)(DG)(DG)(DT)(DA)(DG)(DT)(DA)(DT)(DC)(DT)(DG)(DC)(DA)(DG)(DG)(DT)(DG)(DG)(DA)
(DT)(DA)(DT)(DT)(DG)(DA)(DT)
;
J
3 'polypeptide(L)'
;ARTKQTARKSTGGKAPRKQLATKAARKSAPATGGVKKPHRYRPGTVALREIRRYQKSTELLIRKLPFQRLVREIAQDFKT
DLRFQSSAVMALQEASEAYLVGLFEDTNLCAIHAKRVTIMPKDIQLARRIRGERA
;
A,E
4 'polypeptide(L)'
;TGRGKGGKGLGKGGAKRHRKVLRDNIQGITKPAIRRLARRGGVKRISGLIYEETRGVLKVFLENVIRDAVTYTEHAKRKT
VTAMDVVYALKRQGRTLYGFGG
;
B,F
5 'polypeptide(L)'
;SGRGKGGKVKGKAKSRSNRAGLQFPVGRIHRLLRKGNYAERVGAGAPVYLAAVMEYLAAEVLELAGNAARDNKKTRIIPR
HLQLAIRNDEELNKLLSGVTIAQGGVLPNIQAVLLPKKTE
;
C,G
6 'polypeptide(L)'
;PPKTSGKAAKKAGKAQKNITKTDKKKKRKRKESYAIYIYKVLKQVHPDTGISSKAMSIMNSFVNDIFERIAAEASRLAHY
NKRSTITSREIQTAVRLLLPGELAKHAVSEGTKAVTKYTSSK
;
D,H
#
# COMPACT_ATOMS: atom_id res chain seq x y z
N LYS C 37 -16.10 -38.95 40.13
CA LYS C 37 -16.02 -38.08 38.92
C LYS C 37 -14.58 -37.67 38.60
N PRO C 38 -14.07 -38.01 37.40
CA PRO C 38 -12.69 -37.61 37.08
C PRO C 38 -12.64 -36.09 36.92
N HIS C 39 -11.45 -35.55 36.71
CA HIS C 39 -11.31 -34.10 36.58
C HIS C 39 -11.36 -33.57 35.14
N ARG C 40 -12.38 -32.78 34.85
CA ARG C 40 -12.54 -32.18 33.54
C ARG C 40 -12.60 -30.67 33.62
N TYR C 41 -11.80 -30.00 32.78
CA TYR C 41 -11.83 -28.54 32.72
C TYR C 41 -13.06 -28.20 31.87
N ARG C 42 -13.69 -27.08 32.18
CA ARG C 42 -14.87 -26.67 31.44
C ARG C 42 -14.54 -26.19 30.03
N PRO C 43 -15.49 -26.37 29.09
CA PRO C 43 -15.29 -25.95 27.71
C PRO C 43 -14.87 -24.49 27.63
N GLY C 44 -13.70 -24.24 27.03
CA GLY C 44 -13.23 -22.88 26.91
C GLY C 44 -12.02 -22.61 27.76
N THR C 45 -11.97 -23.26 28.92
CA THR C 45 -10.85 -23.08 29.85
C THR C 45 -9.50 -23.49 29.25
N VAL C 46 -9.42 -24.69 28.69
CA VAL C 46 -8.18 -25.11 28.08
C VAL C 46 -7.92 -24.21 26.87
N ALA C 47 -8.98 -23.84 26.17
CA ALA C 47 -8.84 -22.98 25.01
C ALA C 47 -8.13 -21.71 25.46
N LEU C 48 -8.69 -21.02 26.45
CA LEU C 48 -8.06 -19.80 26.94
C LEU C 48 -6.63 -20.05 27.38
N ARG C 49 -6.39 -21.28 27.87
CA ARG C 49 -5.07 -21.64 28.32
C ARG C 49 -4.16 -21.62 27.11
N GLU C 50 -4.66 -22.14 25.99
CA GLU C 50 -3.92 -22.20 24.73
C GLU C 50 -3.64 -20.82 24.12
N ILE C 51 -4.64 -19.93 24.15
CA ILE C 51 -4.45 -18.58 23.65
C ILE C 51 -3.26 -18.00 24.40
N ARG C 52 -3.30 -18.04 25.72
CA ARG C 52 -2.20 -17.52 26.51
C ARG C 52 -0.85 -18.16 26.17
N ARG C 53 -0.85 -19.48 25.97
CA ARG C 53 0.41 -20.16 25.66
C ARG C 53 0.98 -19.76 24.29
N TYR C 54 0.15 -19.73 23.25
CA TYR C 54 0.70 -19.36 21.94
C TYR C 54 0.90 -17.86 21.70
N GLN C 55 0.26 -17.02 22.49
CA GLN C 55 0.50 -15.61 22.29
C GLN C 55 1.81 -15.26 22.99
N LYS C 56 2.25 -16.15 23.87
CA LYS C 56 3.47 -15.91 24.60
C LYS C 56 4.72 -16.37 23.87
N SER C 57 4.57 -17.32 22.95
CA SER C 57 5.69 -17.87 22.21
C SER C 57 5.83 -17.31 20.80
N THR C 58 6.85 -17.78 20.08
CA THR C 58 7.13 -17.31 18.73
C THR C 58 7.42 -18.46 17.78
N GLU C 59 7.40 -19.66 18.32
CA GLU C 59 7.62 -20.90 17.55
C GLU C 59 6.69 -20.95 16.34
N LEU C 60 7.12 -21.65 15.29
CA LEU C 60 6.28 -21.81 14.11
C LEU C 60 5.21 -22.81 14.53
N LEU C 61 3.99 -22.63 14.05
CA LEU C 61 2.90 -23.50 14.47
C LEU C 61 2.45 -24.54 13.50
N ILE C 62 2.96 -24.50 12.28
CA ILE C 62 2.61 -25.51 11.29
C ILE C 62 3.82 -26.43 11.19
N ARG C 63 3.58 -27.72 10.99
CA ARG C 63 4.70 -28.69 10.86
C ARG C 63 5.55 -28.39 9.61
N LYS C 64 6.86 -28.28 9.79
CA LYS C 64 7.79 -27.98 8.69
C LYS C 64 7.59 -28.75 7.38
N LEU C 65 7.84 -30.06 7.42
CA LEU C 65 7.74 -30.91 6.25
C LEU C 65 6.41 -30.75 5.53
N PRO C 66 5.30 -30.96 6.22
CA PRO C 66 4.00 -30.81 5.54
C PRO C 66 3.96 -29.47 4.80
N PHE C 67 4.51 -28.44 5.43
CA PHE C 67 4.53 -27.10 4.86
C PHE C 67 5.44 -27.05 3.64
N GLN C 68 6.66 -27.55 3.78
CA GLN C 68 7.59 -27.54 2.68
C GLN C 68 7.02 -28.31 1.49
N ARG C 69 6.30 -29.41 1.76
CA ARG C 69 5.71 -30.17 0.68
C ARG C 69 4.71 -29.31 -0.10
N LEU C 70 3.91 -28.53 0.65
CA LEU C 70 2.91 -27.64 0.04
C LEU C 70 3.60 -26.63 -0.86
N VAL C 71 4.57 -25.92 -0.32
CA VAL C 71 5.29 -24.92 -1.10
C VAL C 71 5.72 -25.46 -2.46
N ARG C 72 6.54 -26.51 -2.45
CA ARG C 72 7.08 -27.15 -3.66
C ARG C 72 5.99 -27.53 -4.63
N GLU C 73 4.90 -28.10 -4.11
CA GLU C 73 3.77 -28.44 -4.96
C GLU C 73 3.24 -27.18 -5.69
N ILE C 74 2.94 -26.11 -4.95
CA ILE C 74 2.43 -24.87 -5.54
C ILE C 74 3.44 -24.29 -6.53
N ALA C 75 4.71 -24.28 -6.15
CA ALA C 75 5.75 -23.74 -7.01
C ALA C 75 5.79 -24.53 -8.31
N GLN C 76 5.65 -25.85 -8.19
CA GLN C 76 5.69 -26.79 -9.31
C GLN C 76 4.74 -26.44 -10.45
N ASP C 77 3.67 -25.72 -10.14
CA ASP C 77 2.70 -25.32 -11.16
C ASP C 77 3.19 -24.14 -11.97
N PHE C 78 4.12 -23.37 -11.43
CA PHE C 78 4.62 -22.21 -12.12
C PHE C 78 5.92 -22.54 -12.84
N LYS C 79 6.69 -23.45 -12.27
CA LYS C 79 7.96 -23.85 -12.87
C LYS C 79 8.37 -25.21 -12.31
N THR C 80 8.90 -26.06 -13.19
CA THR C 80 9.30 -27.40 -12.79
C THR C 80 10.76 -27.58 -12.37
N ASP C 81 10.98 -28.61 -11.56
CA ASP C 81 12.28 -28.98 -10.99
C ASP C 81 12.97 -27.80 -10.34
N LEU C 82 12.23 -27.15 -9.45
CA LEU C 82 12.76 -26.01 -8.74
C LEU C 82 13.43 -26.45 -7.47
N ARG C 83 14.47 -25.73 -7.07
CA ARG C 83 15.09 -26.05 -5.81
C ARG C 83 14.76 -24.86 -4.92
N PHE C 84 14.86 -25.04 -3.61
CA PHE C 84 14.57 -23.98 -2.67
C PHE C 84 15.63 -23.88 -1.61
N GLN C 85 16.14 -22.68 -1.33
CA GLN C 85 17.10 -22.57 -0.24
C GLN C 85 16.27 -22.93 1.00
N SER C 86 16.88 -23.46 2.04
CA SER C 86 16.10 -23.80 3.22
C SER C 86 15.56 -22.52 3.85
N SER C 87 16.28 -21.42 3.67
CA SER C 87 15.85 -20.15 4.23
C SER C 87 14.66 -19.58 3.47
N ALA C 88 14.58 -19.83 2.16
CA ALA C 88 13.43 -19.34 1.38
C ALA C 88 12.17 -20.00 1.95
N VAL C 89 12.18 -21.32 2.05
CA VAL C 89 11.03 -22.02 2.60
C VAL C 89 10.72 -21.51 4.00
N MET C 90 11.74 -21.05 4.73
CA MET C 90 11.51 -20.51 6.07
C MET C 90 10.87 -19.11 6.03
N ALA C 91 11.26 -18.28 5.07
CA ALA C 91 10.62 -16.97 4.97
C ALA C 91 9.13 -17.19 4.65
N LEU C 92 8.84 -18.09 3.69
CA LEU C 92 7.47 -18.32 3.31
C LEU C 92 6.64 -18.79 4.50
N GLN C 93 7.21 -19.61 5.37
CA GLN C 93 6.42 -20.08 6.50
C GLN C 93 6.23 -18.99 7.51
N GLU C 94 7.24 -18.15 7.70
CA GLU C 94 7.13 -17.04 8.63
C GLU C 94 6.07 -16.03 8.17
N ALA C 95 6.03 -15.77 6.87
CA ALA C 95 5.07 -14.82 6.29
C ALA C 95 3.67 -15.40 6.29
N SER C 96 3.58 -16.69 6.00
CA SER C 96 2.30 -17.38 5.95
C SER C 96 1.60 -17.40 7.28
N GLU C 97 2.35 -17.71 8.32
CA GLU C 97 1.75 -17.77 9.63
C GLU C 97 1.46 -16.37 10.19
N ALA C 98 2.34 -15.42 9.94
CA ALA C 98 2.05 -14.09 10.45
C ALA C 98 0.77 -13.67 9.75
N TYR C 99 0.68 -13.97 8.47
CA TYR C 99 -0.52 -13.61 7.71
C TYR C 99 -1.74 -14.26 8.29
N LEU C 100 -1.71 -15.58 8.51
CA LEU C 100 -2.88 -16.27 9.04
C LEU C 100 -3.26 -15.74 10.41
N VAL C 101 -2.30 -15.66 11.31
CA VAL C 101 -2.55 -15.16 12.66
C VAL C 101 -3.24 -13.79 12.58
N GLY C 102 -2.68 -12.90 11.76
CA GLY C 102 -3.26 -11.59 11.64
C GLY C 102 -4.67 -11.71 11.13
N LEU C 103 -4.92 -12.68 10.26
CA LEU C 103 -6.26 -12.81 9.69
C LEU C 103 -7.23 -13.36 10.73
N PHE C 104 -6.71 -14.22 11.59
CA PHE C 104 -7.57 -14.76 12.63
C PHE C 104 -7.95 -13.66 13.61
N GLU C 105 -7.07 -12.69 13.86
CA GLU C 105 -7.40 -11.60 14.78
C GLU C 105 -8.54 -10.77 14.21
N ASP C 106 -8.51 -10.43 12.92
CA ASP C 106 -9.60 -9.67 12.31
C ASP C 106 -10.89 -10.49 12.26
N THR C 107 -10.76 -11.78 11.98
CA THR C 107 -11.91 -12.67 11.91
C THR C 107 -12.55 -12.76 13.32
N ASN C 108 -11.73 -12.76 14.35
CA ASN C 108 -12.25 -12.86 15.69
C ASN C 108 -13.07 -11.63 15.96
N LEU C 109 -12.57 -10.47 15.52
CA LEU C 109 -13.31 -9.25 15.75
C LEU C 109 -14.64 -9.27 15.01
N CYS C 110 -14.69 -9.91 13.85
CA CYS C 110 -15.93 -9.98 13.10
C CYS C 110 -16.93 -10.92 13.80
N ALA C 111 -16.41 -11.96 14.43
CA ALA C 111 -17.27 -12.90 15.14
C ALA C 111 -17.89 -12.17 16.32
N ILE C 112 -17.08 -11.37 17.01
CA ILE C 112 -17.55 -10.63 18.16
C ILE C 112 -18.51 -9.50 17.79
N HIS C 113 -18.34 -8.96 16.58
CA HIS C 113 -19.21 -7.88 16.15
C HIS C 113 -20.61 -8.45 15.99
N ALA C 114 -20.67 -9.73 15.68
CA ALA C 114 -21.95 -10.42 15.48
C ALA C 114 -22.44 -10.98 16.80
N LYS C 115 -21.80 -10.57 17.90
CA LYS C 115 -22.14 -11.03 19.23
C LYS C 115 -21.96 -12.53 19.34
N ARG C 116 -20.92 -13.07 18.72
CA ARG C 116 -20.64 -14.50 18.85
C ARG C 116 -19.24 -14.61 19.48
N VAL C 117 -18.78 -15.83 19.70
CA VAL C 117 -17.46 -16.03 20.28
C VAL C 117 -16.81 -17.15 19.48
N THR C 118 -17.57 -17.62 18.50
CA THR C 118 -17.11 -18.70 17.62
C THR C 118 -16.82 -18.12 16.24
N ILE C 119 -15.60 -18.26 15.71
CA ILE C 119 -15.34 -17.70 14.39
C ILE C 119 -15.89 -18.62 13.31
N MET C 120 -16.52 -18.05 12.29
CA MET C 120 -17.08 -18.86 11.22
C MET C 120 -16.54 -18.42 9.88
N PRO C 121 -16.76 -19.22 8.84
CA PRO C 121 -16.27 -18.87 7.51
C PRO C 121 -16.73 -17.50 7.05
N LYS C 122 -17.96 -17.13 7.37
CA LYS C 122 -18.44 -15.84 6.97
C LYS C 122 -17.65 -14.72 7.67
N ASP C 123 -17.06 -15.00 8.83
CA ASP C 123 -16.24 -14.01 9.53
C ASP C 123 -14.93 -13.81 8.74
N ILE C 124 -14.35 -14.91 8.27
CA ILE C 124 -13.11 -14.86 7.51
C ILE C 124 -13.39 -14.13 6.21
N GLN C 125 -14.57 -14.41 5.66
CA GLN C 125 -14.99 -13.82 4.42
C GLN C 125 -15.12 -12.32 4.56
N LEU C 126 -15.85 -11.86 5.58
CA LEU C 126 -16.00 -10.42 5.79
C LEU C 126 -14.64 -9.74 6.01
N ALA C 127 -13.77 -10.34 6.80
CA ALA C 127 -12.46 -9.73 7.01
C ALA C 127 -11.67 -9.58 5.71
N ARG C 128 -11.63 -10.61 4.88
CA ARG C 128 -10.90 -10.53 3.63
C ARG C 128 -11.53 -9.50 2.67
N ARG C 129 -12.84 -9.40 2.69
CA ARG C 129 -13.52 -8.45 1.84
C ARG C 129 -13.17 -7.00 2.25
N ILE C 130 -13.19 -6.73 3.55
CA ILE C 130 -12.86 -5.40 4.02
C ILE C 130 -11.41 -5.06 3.81
N ARG C 131 -10.54 -6.07 3.83
CA ARG C 131 -9.10 -5.85 3.60
C ARG C 131 -8.78 -5.63 2.12
N GLY C 132 -9.72 -5.95 1.24
CA GLY C 132 -9.46 -5.77 -0.17
C GLY C 132 -8.84 -7.00 -0.81
N GLU C 133 -8.84 -8.13 -0.11
CA GLU C 133 -8.29 -9.37 -0.63
C GLU C 133 -9.32 -10.11 -1.45
N ARG C 134 -10.56 -10.01 -1.01
CA ARG C 134 -11.71 -10.67 -1.64
C ARG C 134 -12.42 -9.66 -2.54
N ALA C 135 -12.19 -8.38 -2.26
CA ALA C 135 -12.77 -7.31 -3.05
C ALA C 135 -11.82 -7.05 -4.26
N ARG D 23 -3.11 -39.45 1.14
CA ARG D 23 -3.60 -38.10 1.49
C ARG D 23 -2.75 -37.01 0.85
N ASP D 24 -3.32 -35.87 0.54
CA ASP D 24 -2.43 -34.94 -0.13
C ASP D 24 -1.97 -33.70 0.70
N ASN D 25 -1.22 -32.82 0.04
CA ASN D 25 -0.50 -31.67 0.64
C ASN D 25 -1.20 -30.49 1.37
N ILE D 26 -2.22 -29.86 0.78
CA ILE D 26 -2.87 -28.76 1.46
C ILE D 26 -3.52 -29.34 2.71
N GLN D 27 -3.92 -30.61 2.63
CA GLN D 27 -4.54 -31.29 3.76
C GLN D 27 -3.48 -31.59 4.82
N GLY D 28 -2.22 -31.45 4.40
CA GLY D 28 -1.10 -31.66 5.30
C GLY D 28 -1.14 -30.61 6.40
N ILE D 29 -1.74 -29.44 6.12
CA ILE D 29 -1.86 -28.39 7.12
C ILE D 29 -3.07 -28.84 7.93
N THR D 30 -2.76 -29.43 9.08
CA THR D 30 -3.74 -30.03 9.99
C THR D 30 -4.69 -29.17 10.80
N LYS D 31 -5.79 -29.78 11.22
CA LYS D 31 -6.78 -29.11 12.05
C LYS D 31 -6.10 -28.50 13.30
N PRO D 32 -5.28 -29.30 14.00
CA PRO D 32 -4.62 -28.74 15.19
C PRO D 32 -3.65 -27.58 14.92
N ALA D 33 -2.93 -27.61 13.80
CA ALA D 33 -2.00 -26.52 13.46
C ALA D 33 -2.82 -25.25 13.23
N ILE D 34 -3.94 -25.42 12.53
CA ILE D 34 -4.80 -24.31 12.25
C ILE D 34 -5.36 -23.85 13.57
N ARG D 35 -5.68 -24.77 14.46
CA ARG D 35 -6.22 -24.36 15.75
C ARG D 35 -5.18 -23.52 16.53
N ARG D 36 -3.91 -23.94 16.45
CA ARG D 36 -2.81 -23.22 17.11
C ARG D 36 -2.67 -21.78 16.56
N LEU D 37 -2.73 -21.64 15.23
CA LEU D 37 -2.62 -20.32 14.61
C LEU D 37 -3.72 -19.43 15.09
N ALA D 38 -4.92 -19.97 15.14
CA ALA D 38 -6.09 -19.22 15.59
C ALA D 38 -5.89 -18.79 17.05
N ARG D 39 -5.35 -19.71 17.85
CA ARG D 39 -5.11 -19.40 19.26
C ARG D 39 -4.21 -18.22 19.34
N ARG D 40 -3.13 -18.23 18.55
CA ARG D 40 -2.20 -17.11 18.59
C ARG D 40 -2.94 -15.86 18.18
N GLY D 41 -4.01 -16.06 17.40
CA GLY D 41 -4.80 -14.94 16.97
C GLY D 41 -5.85 -14.55 17.98
N GLY D 42 -5.84 -15.18 19.16
CA GLY D 42 -6.83 -14.88 20.19
C GLY D 42 -8.19 -15.51 19.95
N VAL D 43 -8.24 -16.59 19.19
CA VAL D 43 -9.52 -17.24 18.92
C VAL D 43 -9.83 -18.32 19.94
N LYS D 44 -10.96 -18.16 20.63
CA LYS D 44 -11.40 -19.10 21.65
C LYS D 44 -12.23 -20.27 21.16
N ARG D 45 -13.13 -20.04 20.21
CA ARG D 45 -13.98 -21.11 19.72
C ARG D 45 -13.95 -21.13 18.19
N ILE D 46 -13.71 -22.31 17.63
CA ILE D 46 -13.59 -22.48 16.19
C ILE D 46 -14.68 -23.34 15.60
N SER D 47 -15.38 -22.82 14.60
CA SER D 47 -16.43 -23.58 13.94
C SER D 47 -15.79 -24.66 13.09
N GLY D 48 -16.54 -25.76 12.86
CA GLY D 48 -16.01 -26.88 12.09
C GLY D 48 -15.65 -26.62 10.64
N LEU D 49 -16.34 -25.66 10.03
CA LEU D 49 -16.07 -25.35 8.64
C LEU D 49 -14.85 -24.47 8.45
N ILE D 50 -14.29 -23.94 9.54
CA ILE D 50 -13.12 -23.06 9.44
C ILE D 50 -11.86 -23.67 8.79
N TYR D 51 -11.52 -24.90 9.18
CA TYR D 51 -10.33 -25.62 8.71
C TYR D 51 -10.21 -25.65 7.19
N GLU D 52 -11.28 -25.98 6.46
CA GLU D 52 -11.22 -25.95 5.00
C GLU D 52 -11.17 -24.53 4.45
N GLU D 53 -11.81 -23.57 5.13
CA GLU D 53 -11.77 -22.20 4.65
C GLU D 53 -10.34 -21.68 4.79
N THR D 54 -9.71 -22.02 5.90
CA THR D 54 -8.36 -21.57 6.15
C THR D 54 -7.40 -22.08 5.11
N ARG D 55 -7.46 -23.39 4.85
CA ARG D 55 -6.59 -24.02 3.84
C ARG D 55 -6.73 -23.30 2.52
N GLY D 56 -7.97 -22.97 2.15
CA GLY D 56 -8.17 -22.27 0.90
C GLY D 56 -7.47 -20.90 0.92
N VAL D 57 -7.56 -20.23 2.06
CA VAL D 57 -6.94 -18.92 2.22
C VAL D 57 -5.41 -19.04 2.16
N LEU D 58 -4.84 -20.04 2.84
CA LEU D 58 -3.40 -20.20 2.84
C LEU D 58 -2.91 -20.50 1.44
N LYS D 59 -3.68 -21.29 0.72
CA LYS D 59 -3.32 -21.65 -0.65
C LYS D 59 -3.26 -20.46 -1.58
N VAL D 60 -4.23 -19.55 -1.48
CA VAL D 60 -4.25 -18.34 -2.31
C VAL D 60 -3.07 -17.44 -1.92
N PHE D 61 -2.78 -17.37 -0.63
CA PHE D 61 -1.66 -16.56 -0.16
C PHE D 61 -0.33 -17.09 -0.72
N LEU D 62 -0.12 -18.40 -0.66
CA LEU D 62 1.12 -18.98 -1.18
C LEU D 62 1.22 -18.88 -2.70
N GLU D 63 0.13 -19.16 -3.41
CA GLU D 63 0.17 -19.05 -4.87
C GLU D 63 0.60 -17.65 -5.28
N ASN D 64 0.01 -16.66 -4.61
CA ASN D 64 0.34 -15.28 -4.89
C ASN D 64 1.77 -14.94 -4.59
N VAL D 65 2.28 -15.36 -3.43
CA VAL D 65 3.66 -15.04 -3.07
C VAL D 65 4.67 -15.85 -3.89
N ILE D 66 4.45 -17.15 -3.98
CA ILE D 66 5.36 -18.00 -4.70
C ILE D 66 5.45 -17.67 -6.19
N ARG D 67 4.31 -17.39 -6.81
CA ARG D 67 4.28 -17.05 -8.21
C ARG D 67 5.28 -15.94 -8.43
N ASP D 68 5.20 -14.88 -7.62
CA ASP D 68 6.12 -13.75 -7.74
C ASP D 68 7.57 -14.13 -7.45
N ALA D 69 7.82 -14.99 -6.47
CA ALA D 69 9.18 -15.42 -6.13
C ALA D 69 9.77 -16.16 -7.33
N VAL D 70 8.99 -17.08 -7.86
CA VAL D 70 9.45 -17.84 -9.00
C VAL D 70 9.71 -16.89 -10.18
N THR D 71 8.88 -15.87 -10.34
CA THR D 71 9.13 -14.94 -11.43
C THR D 71 10.47 -14.28 -11.22
N TYR D 72 10.82 -14.01 -9.96
CA TYR D 72 12.12 -13.40 -9.68
C TYR D 72 13.24 -14.41 -9.92
N THR D 73 12.96 -15.69 -9.65
CA THR D 73 13.96 -16.75 -9.86
C THR D 73 14.23 -16.80 -11.38
N GLU D 74 13.20 -17.11 -12.16
CA GLU D 74 13.34 -17.17 -13.61
C GLU D 74 14.08 -15.93 -14.18
N HIS D 75 13.72 -14.73 -13.73
CA HIS D 75 14.39 -13.58 -14.28
C HIS D 75 15.91 -13.58 -14.05
N ALA D 76 16.32 -14.12 -12.91
CA ALA D 76 17.72 -14.17 -12.58
C ALA D 76 18.37 -15.38 -13.24
N LYS D 77 17.58 -16.11 -14.04
CA LYS D 77 18.11 -17.29 -14.74
C LYS D 77 18.57 -18.37 -13.76
N ARG D 78 17.86 -18.54 -12.65
CA ARG D 78 18.26 -19.55 -11.68
C ARG D 78 17.25 -20.67 -11.61
N LYS D 79 17.60 -21.75 -10.92
CA LYS D 79 16.72 -22.88 -10.76
C LYS D 79 16.51 -23.09 -9.27
N THR D 80 16.92 -22.10 -8.49
CA THR D 80 16.77 -22.17 -7.05
C THR D 80 16.05 -20.94 -6.49
N VAL D 81 14.90 -21.15 -5.85
CA VAL D 81 14.20 -20.02 -5.25
C VAL D 81 14.98 -19.59 -3.99
N THR D 82 15.41 -18.34 -3.96
CA THR D 82 16.15 -17.85 -2.81
C THR D 82 15.30 -17.06 -1.83
N ALA D 83 15.81 -16.90 -0.61
CA ALA D 83 15.15 -16.14 0.44
C ALA D 83 14.84 -14.75 -0.10
N MET D 84 15.79 -14.13 -0.77
CA MET D 84 15.61 -12.81 -1.32
C MET D 84 14.53 -12.82 -2.35
N ASP D 85 14.40 -13.90 -3.12
CA ASP D 85 13.32 -13.94 -4.08
C ASP D 85 12.02 -13.88 -3.31
N VAL D 86 11.95 -14.60 -2.19
CA VAL D 86 10.73 -14.59 -1.40
C VAL D 86 10.53 -13.22 -0.76
N VAL D 87 11.59 -12.67 -0.15
CA VAL D 87 11.50 -11.37 0.47
C VAL D 87 11.05 -10.34 -0.55
N TYR D 88 11.61 -10.37 -1.75
CA TYR D 88 11.17 -9.42 -2.76
C TYR D 88 9.71 -9.69 -3.14
N ALA D 89 9.31 -10.96 -3.13
CA ALA D 89 7.95 -11.31 -3.48
C ALA D 89 6.99 -10.73 -2.42
N LEU D 90 7.35 -10.88 -1.16
CA LEU D 90 6.53 -10.38 -0.07
C LEU D 90 6.42 -8.86 -0.11
N LYS D 91 7.55 -8.19 -0.36
CA LYS D 91 7.53 -6.74 -0.41
C LYS D 91 6.58 -6.17 -1.44
N ARG D 92 6.50 -6.76 -2.60
CA ARG D 92 5.61 -6.17 -3.59
C ARG D 92 4.15 -6.49 -3.34
N GLN D 93 3.90 -7.47 -2.47
CA GLN D 93 2.52 -7.85 -2.12
C GLN D 93 2.14 -6.97 -0.92
N GLY D 94 2.97 -5.98 -0.63
CA GLY D 94 2.73 -5.13 0.51
C GLY D 94 2.97 -5.82 1.86
N ARG D 95 3.60 -7.00 1.89
CA ARG D 95 3.85 -7.69 3.15
C ARG D 95 5.31 -7.83 3.56
N THR D 96 6.04 -6.72 3.55
CA THR D 96 7.45 -6.66 3.93
C THR D 96 7.83 -7.61 5.09
N LEU D 97 8.91 -8.36 4.90
CA LEU D 97 9.37 -9.30 5.93
C LEU D 97 10.80 -9.02 6.39
N TYR D 98 11.01 -8.95 7.69
CA TYR D 98 12.36 -8.70 8.24
C TYR D 98 12.99 -9.96 8.80
N GLY D 99 14.27 -10.12 8.54
CA GLY D 99 15.19 -11.16 9.05
C GLY D 99 15.60 -12.28 8.12
N PHE D 100 15.54 -12.05 6.82
CA PHE D 100 15.98 -13.03 5.88
C PHE D 100 16.80 -12.40 4.78
N GLY D 101 17.30 -11.19 4.97
CA GLY D 101 18.06 -10.58 3.91
C GLY D 101 17.33 -9.32 3.52
N GLY D 102 18.03 -8.45 2.81
CA GLY D 102 17.49 -7.17 2.34
C GLY D 102 16.61 -6.33 3.26
N ALA E 13 13.84 9.07 -43.61
CA ALA E 13 13.61 8.80 -42.16
C ALA E 13 12.32 7.98 -41.89
N LYS E 14 12.12 7.54 -40.65
CA LYS E 14 10.99 6.65 -40.29
C LYS E 14 11.09 6.43 -38.78
N SER E 15 10.16 6.99 -38.00
CA SER E 15 10.19 6.88 -36.53
C SER E 15 10.19 5.46 -35.99
N ARG E 16 10.66 5.32 -34.76
CA ARG E 16 10.71 4.01 -34.12
C ARG E 16 9.33 3.44 -33.81
N SER E 17 8.36 4.32 -33.55
CA SER E 17 7.02 3.83 -33.29
C SER E 17 6.56 3.15 -34.59
N ASN E 18 6.74 3.85 -35.71
CA ASN E 18 6.33 3.31 -37.00
C ASN E 18 7.12 2.03 -37.24
N ARG E 19 8.42 2.11 -37.01
CA ARG E 19 9.26 0.95 -37.22
C ARG E 19 8.81 -0.21 -36.33
N ALA E 20 8.21 0.11 -35.19
CA ALA E 20 7.75 -0.92 -34.26
C ALA E 20 6.27 -1.24 -34.46
N GLY E 21 5.61 -0.50 -35.33
CA GLY E 21 4.21 -0.74 -35.60
C GLY E 21 3.31 -0.32 -34.46
N LEU E 22 3.64 0.81 -33.83
CA LEU E 22 2.89 1.30 -32.70
C LEU E 22 2.43 2.75 -32.84
N GLN E 23 1.36 3.08 -32.14
CA GLN E 23 0.81 4.43 -32.11
C GLN E 23 1.55 5.18 -31.01
N PHE E 24 1.73 4.56 -29.86
CA PHE E 24 2.41 5.20 -28.74
C PHE E 24 3.85 5.56 -29.08
N PRO E 25 4.28 6.77 -28.68
CA PRO E 25 5.62 7.33 -28.92
C PRO E 25 6.83 6.64 -28.30
N VAL E 26 7.51 5.82 -29.08
CA VAL E 26 8.69 5.10 -28.62
C VAL E 26 9.79 6.06 -28.19
N GLY E 27 10.06 7.06 -29.01
CA GLY E 27 11.10 8.01 -28.67
C GLY E 27 10.88 8.67 -27.33
N ARG E 28 9.67 9.18 -27.09
CA ARG E 28 9.36 9.87 -25.84
C ARG E 28 9.45 8.96 -24.60
N ILE E 29 8.99 7.72 -24.75
CA ILE E 29 9.02 6.78 -23.66
C ILE E 29 10.47 6.43 -23.33
N HIS E 30 11.30 6.41 -24.36
CA HIS E 30 12.70 6.10 -24.20
C HIS E 30 13.33 7.23 -23.43
N ARG E 31 12.95 8.45 -23.76
CA ARG E 31 13.50 9.60 -23.09
C ARG E 31 13.02 9.61 -21.64
N LEU E 32 11.72 9.40 -21.47
CA LEU E 32 11.14 9.37 -20.13
C LEU E 32 11.81 8.31 -19.30
N LEU E 33 12.20 7.19 -19.90
CA LEU E 33 12.88 6.15 -19.14
C LEU E 33 14.26 6.63 -18.69
N ARG E 34 14.95 7.39 -19.55
CA ARG E 34 16.28 7.90 -19.22
C ARG E 34 16.19 8.98 -18.15
N LYS E 35 15.24 9.90 -18.33
CA LYS E 35 15.07 11.01 -17.40
C LYS E 35 14.58 10.57 -16.02
N GLY E 36 13.96 9.40 -15.94
CA GLY E 36 13.40 8.92 -14.69
C GLY E 36 14.33 8.31 -13.66
N ASN E 37 15.59 8.11 -14.02
CA ASN E 37 16.55 7.52 -13.08
C ASN E 37 16.15 6.12 -12.71
N TYR E 38 15.96 5.26 -13.71
CA TYR E 38 15.59 3.90 -13.37
C TYR E 38 16.78 2.98 -13.41
N ALA E 39 17.77 3.36 -14.22
CA ALA E 39 18.99 2.58 -14.39
C ALA E 39 20.00 3.47 -15.08
N GLU E 40 21.28 3.09 -15.08
CA GLU E 40 22.26 3.90 -15.76
C GLU E 40 22.00 3.84 -17.27
N ARG E 41 21.69 2.65 -17.78
CA ARG E 41 21.43 2.46 -19.20
C ARG E 41 20.02 1.97 -19.52
N VAL E 42 19.51 2.35 -20.69
CA VAL E 42 18.20 1.90 -21.11
C VAL E 42 18.33 1.39 -22.54
N GLY E 43 18.24 0.09 -22.72
CA GLY E 43 18.36 -0.49 -24.03
C GLY E 43 17.24 -0.08 -24.97
N ALA E 44 17.59 -0.09 -26.26
CA ALA E 44 16.70 0.29 -27.35
C ALA E 44 15.37 -0.44 -27.38
N GLY E 45 15.34 -1.70 -26.94
CA GLY E 45 14.12 -2.45 -26.97
C GLY E 45 13.16 -2.13 -25.82
N ALA E 46 13.72 -1.60 -24.73
CA ALA E 46 12.96 -1.29 -23.53
C ALA E 46 11.75 -0.41 -23.80
N PRO E 47 11.98 0.74 -24.45
CA PRO E 47 10.86 1.63 -24.72
C PRO E 47 9.87 1.10 -25.74
N VAL E 48 10.34 0.23 -26.64
CA VAL E 48 9.47 -0.35 -27.64
C VAL E 48 8.49 -1.23 -26.87
N TYR E 49 9.05 -2.13 -26.06
CA TYR E 49 8.21 -3.04 -25.30
C TYR E 49 7.22 -2.32 -24.39
N LEU E 50 7.71 -1.37 -23.60
CA LEU E 50 6.85 -0.60 -22.70
C LEU E 50 5.77 0.19 -23.48
N ALA E 51 6.16 0.82 -24.58
CA ALA E 51 5.18 1.54 -25.37
C ALA E 51 4.08 0.59 -25.87
N ALA E 52 4.48 -0.63 -26.22
CA ALA E 52 3.51 -1.59 -26.72
C ALA E 52 2.50 -2.00 -25.62
N VAL E 53 3.00 -2.26 -24.42
CA VAL E 53 2.14 -2.61 -23.29
C VAL E 53 1.22 -1.45 -22.89
N MET E 54 1.74 -0.23 -22.95
CA MET E 54 0.94 0.92 -22.59
C MET E 54 -0.20 1.04 -23.55
N GLU E 55 0.10 0.97 -24.86
CA GLU E 55 -0.92 1.06 -25.92
C GLU E 55 -1.95 -0.09 -25.79
N TYR E 56 -1.46 -1.30 -25.60
CA TYR E 56 -2.35 -2.42 -25.45
C TYR E 56 -3.37 -2.13 -24.33
N LEU E 57 -2.87 -1.67 -23.18
CA LEU E 57 -3.75 -1.40 -22.05
C LEU E 57 -4.74 -0.29 -22.31
N ALA E 58 -4.28 0.79 -22.94
CA ALA E 58 -5.17 1.91 -23.26
C ALA E 58 -6.23 1.44 -24.26
N ALA E 59 -5.85 0.53 -25.16
CA ALA E 59 -6.77 0.03 -26.18
C ALA E 59 -7.85 -0.84 -25.56
N GLU E 60 -7.46 -1.66 -24.60
CA GLU E 60 -8.39 -2.54 -23.90
C GLU E 60 -9.49 -1.72 -23.22
N VAL E 61 -9.07 -0.74 -22.41
CA VAL E 61 -9.97 0.13 -21.68
C VAL E 61 -10.86 0.95 -22.62
N LEU E 62 -10.25 1.51 -23.66
CA LEU E 62 -11.03 2.30 -24.61
C LEU E 62 -12.02 1.41 -25.35
N GLU E 63 -11.60 0.20 -25.67
CA GLU E 63 -12.52 -0.75 -26.32
C GLU E 63 -13.72 -0.92 -25.41
N LEU E 64 -13.49 -1.33 -24.16
CA LEU E 64 -14.57 -1.51 -23.20
C LEU E 64 -15.38 -0.24 -22.94
N ALA E 65 -14.68 0.88 -22.77
CA ALA E 65 -15.39 2.12 -22.46
C ALA E 65 -16.26 2.52 -23.64
N GLY E 66 -15.69 2.45 -24.85
CA GLY E 66 -16.47 2.76 -26.04
C GLY E 66 -17.76 1.93 -26.07
N ASN E 67 -17.68 0.65 -25.71
CA ASN E 67 -18.91 -0.16 -25.74
C ASN E 67 -19.90 0.32 -24.67
N ALA E 68 -19.41 0.67 -23.48
CA ALA E 68 -20.31 1.13 -22.44
C ALA E 68 -21.01 2.41 -22.87
N ALA E 69 -20.25 3.30 -23.50
CA ALA E 69 -20.80 4.55 -23.98
C ALA E 69 -21.90 4.22 -24.99
N ARG E 70 -21.70 3.14 -25.73
CA ARG E 70 -22.70 2.73 -26.71
C ARG E 70 -23.95 2.17 -26.05
N ASP E 71 -23.77 1.37 -25.01
CA ASP E 71 -24.91 0.81 -24.30
C ASP E 71 -25.75 1.93 -23.71
N ASN E 72 -25.13 3.03 -23.28
CA ASN E 72 -25.90 4.13 -22.70
C ASN E 72 -26.37 5.13 -23.75
N LYS E 73 -26.16 4.78 -25.02
CA LYS E 73 -26.59 5.63 -26.11
C LYS E 73 -25.89 6.98 -26.18
N LYS E 74 -24.60 7.00 -25.88
CA LYS E 74 -23.79 8.22 -25.94
C LYS E 74 -22.69 7.95 -26.96
N THR E 75 -22.23 8.98 -27.66
CA THR E 75 -21.18 8.74 -28.62
C THR E 75 -19.86 9.23 -28.07
N ARG E 76 -19.94 9.85 -26.89
CA ARG E 76 -18.74 10.36 -26.23
C ARG E 76 -18.41 9.62 -24.92
N ILE E 77 -17.17 9.14 -24.78
CA ILE E 77 -16.78 8.45 -23.55
C ILE E 77 -16.54 9.46 -22.42
N ILE E 78 -17.21 9.27 -21.28
CA ILE E 78 -17.00 10.13 -20.12
C ILE E 78 -16.45 9.26 -18.94
N PRO E 79 -16.00 9.89 -17.84
CA PRO E 79 -15.44 9.18 -16.67
C PRO E 79 -16.26 7.99 -16.19
N ARG E 80 -17.56 8.18 -16.12
CA ARG E 80 -18.48 7.13 -15.69
C ARG E 80 -18.26 5.85 -16.49
N HIS E 81 -18.13 5.97 -17.81
CA HIS E 81 -17.92 4.79 -18.64
C HIS E 81 -16.62 4.11 -18.27
N LEU E 82 -15.57 4.88 -18.01
CA LEU E 82 -14.29 4.31 -17.62
C LEU E 82 -14.44 3.57 -16.30
N GLN E 83 -15.11 4.20 -15.36
CA GLN E 83 -15.32 3.59 -14.05
C GLN E 83 -16.14 2.30 -14.22
N LEU E 84 -17.26 2.38 -14.92
CA LEU E 84 -18.04 1.15 -15.12
C LEU E 84 -17.23 -0.02 -15.69
N ALA E 85 -16.52 0.20 -16.80
CA ALA E 85 -15.76 -0.88 -17.44
C ALA E 85 -14.69 -1.42 -16.51
N ILE E 86 -13.99 -0.52 -15.83
CA ILE E 86 -12.95 -0.96 -14.93
C ILE E 86 -13.48 -1.77 -13.75
N ARG E 87 -14.56 -1.33 -13.13
CA ARG E 87 -15.04 -2.11 -11.99
C ARG E 87 -15.74 -3.42 -12.37
N ASN E 88 -16.20 -3.56 -13.60
CA ASN E 88 -16.85 -4.81 -13.96
C ASN E 88 -15.93 -5.85 -14.49
N ASP E 89 -14.71 -5.44 -14.81
CA ASP E 89 -13.68 -6.33 -15.34
C ASP E 89 -12.80 -6.78 -14.20
N GLU E 90 -12.94 -8.04 -13.86
CA GLU E 90 -12.18 -8.61 -12.78
C GLU E 90 -10.68 -8.26 -12.83
N GLU E 91 -10.05 -8.27 -13.99
CA GLU E 91 -8.63 -7.96 -14.02
C GLU E 91 -8.27 -6.48 -14.01
N LEU E 92 -9.03 -5.68 -14.73
CA LEU E 92 -8.79 -4.25 -14.76
C LEU E 92 -9.06 -3.69 -13.36
N ASN E 93 -10.00 -4.29 -12.66
CA ASN E 93 -10.33 -3.85 -11.31
C ASN E 93 -9.22 -4.20 -10.30
N LYS E 94 -8.51 -5.32 -10.50
CA LYS E 94 -7.44 -5.65 -9.60
C LYS E 94 -6.21 -4.79 -9.87
N LEU E 95 -5.95 -4.54 -11.16
CA LEU E 95 -4.82 -3.73 -11.57
C LEU E 95 -4.95 -2.32 -11.04
N LEU E 96 -6.19 -1.83 -10.95
CA LEU E 96 -6.44 -0.48 -10.50
C LEU E 96 -7.20 -0.44 -9.16
N SER E 97 -7.06 -1.49 -8.37
CA SER E 97 -7.78 -1.57 -7.09
C SER E 97 -7.52 -0.38 -6.18
N GLY E 98 -6.34 0.22 -6.25
CA GLY E 98 -6.04 1.36 -5.42
C GLY E 98 -6.22 2.72 -6.09
N VAL E 99 -6.93 2.73 -7.21
CA VAL E 99 -7.12 3.95 -7.98
C VAL E 99 -8.53 4.50 -7.86
N THR E 100 -8.63 5.82 -7.85
CA THR E 100 -9.91 6.47 -7.79
C THR E 100 -10.08 7.31 -9.06
N ILE E 101 -11.19 7.07 -9.76
CA ILE E 101 -11.50 7.77 -10.98
C ILE E 101 -12.46 8.92 -10.67
N ALA E 102 -11.95 10.13 -10.83
CA ALA E 102 -12.74 11.29 -10.56
C ALA E 102 -13.98 11.26 -11.43
N GLN E 103 -15.11 11.63 -10.84
CA GLN E 103 -16.39 11.68 -11.53
C GLN E 103 -16.82 10.38 -12.14
N GLY E 104 -16.45 9.27 -11.48
CA GLY E 104 -16.82 7.97 -11.98
C GLY E 104 -17.95 7.31 -11.22
N GLY E 105 -18.22 7.78 -10.01
CA GLY E 105 -19.25 7.19 -9.20
C GLY E 105 -18.89 5.76 -8.86
N VAL E 106 -19.90 4.98 -8.49
CA VAL E 106 -19.64 3.59 -8.19
C VAL E 106 -20.55 2.67 -9.00
N LEU E 107 -20.40 1.37 -8.81
CA LEU E 107 -21.23 0.40 -9.53
C LEU E 107 -22.57 0.22 -8.83
N PRO E 108 -23.66 0.22 -9.58
CA PRO E 108 -24.92 0.03 -8.86
C PRO E 108 -24.87 -1.31 -8.11
N ASN E 109 -25.16 -1.31 -6.82
CA ASN E 109 -25.12 -2.54 -6.05
C ASN E 109 -25.84 -2.32 -4.75
N ILE E 110 -26.89 -3.10 -4.54
CA ILE E 110 -27.72 -3.04 -3.34
C ILE E 110 -27.78 -4.43 -2.68
N GLN E 111 -27.22 -4.56 -1.49
CA GLN E 111 -27.25 -5.84 -0.82
C GLN E 111 -28.67 -6.42 -0.85
N ALA E 112 -28.76 -7.72 -1.16
CA ALA E 112 -30.05 -8.41 -1.23
C ALA E 112 -30.92 -8.22 0.03
N VAL E 113 -30.33 -8.28 1.22
CA VAL E 113 -31.09 -8.11 2.47
C VAL E 113 -31.79 -6.77 2.60
N LEU E 114 -31.33 -5.75 1.88
CA LEU E 114 -31.93 -4.44 1.97
C LEU E 114 -33.20 -4.25 1.12
N LEU E 115 -33.47 -5.20 0.24
CA LEU E 115 -34.66 -5.09 -0.58
C LEU E 115 -35.90 -5.49 0.21
N PRO E 116 -37.05 -4.89 -0.14
CA PRO E 116 -38.32 -5.19 0.54
C PRO E 116 -38.93 -6.53 0.12
N LYS E 117 -40.12 -6.83 0.65
CA LYS E 117 -40.80 -8.06 0.31
C LYS E 117 -41.67 -8.63 1.43
N LYS E 118 -42.33 -9.74 1.13
CA LYS E 118 -43.21 -10.37 2.10
C LYS E 118 -44.45 -9.52 2.22
N THR E 119 -44.75 -8.79 1.14
CA THR E 119 -45.89 -7.89 1.11
C THR E 119 -45.73 -6.84 2.19
N GLU E 120 -46.52 -6.96 3.25
CA GLU E 120 -46.46 -6.04 4.35
C GLU E 120 -47.09 -6.70 5.57
N ARG F 28 8.26 29.24 -23.19
CA ARG F 28 7.08 29.33 -24.10
C ARG F 28 6.03 28.35 -23.60
N LYS F 29 6.40 27.59 -22.58
CA LYS F 29 5.52 26.60 -21.96
C LYS F 29 5.13 25.43 -22.83
N ARG F 30 5.59 24.24 -22.45
CA ARG F 30 5.24 23.04 -23.19
C ARG F 30 4.91 21.88 -22.24
N LYS F 31 3.66 21.44 -22.19
CA LYS F 31 3.36 20.30 -21.34
C LYS F 31 2.81 19.18 -22.18
N GLU F 32 3.67 18.20 -22.45
CA GLU F 32 3.25 17.06 -23.25
C GLU F 32 2.46 16.01 -22.49
N SER F 33 1.56 15.36 -23.21
CA SER F 33 0.73 14.31 -22.64
C SER F 33 0.56 13.25 -23.68
N TYR F 34 -0.22 12.22 -23.37
CA TYR F 34 -0.44 11.13 -24.30
C TYR F 34 -1.76 11.25 -25.03
N ALA F 35 -2.46 12.37 -24.82
CA ALA F 35 -3.77 12.61 -25.40
C ALA F 35 -3.89 12.34 -26.90
N ILE F 36 -2.92 12.79 -27.69
CA ILE F 36 -3.06 12.56 -29.12
C ILE F 36 -2.94 11.10 -29.45
N TYR F 37 -2.13 10.37 -28.69
CA TYR F 37 -1.95 8.94 -28.95
C TYR F 37 -3.13 8.12 -28.46
N ILE F 38 -3.70 8.55 -27.34
CA ILE F 38 -4.84 7.84 -26.81
C ILE F 38 -5.95 8.03 -27.83
N TYR F 39 -6.00 9.23 -28.41
CA TYR F 39 -7.02 9.55 -29.39
C TYR F 39 -6.85 8.64 -30.62
N LYS F 40 -5.63 8.55 -31.13
CA LYS F 40 -5.40 7.65 -32.28
C LYS F 40 -5.92 6.23 -31.99
N VAL F 41 -5.58 5.68 -30.82
CA VAL F 41 -6.00 4.33 -30.46
C VAL F 41 -7.50 4.26 -30.37
N LEU F 42 -8.11 5.30 -29.80
CA LEU F 42 -9.55 5.30 -29.70
C LEU F 42 -10.24 5.22 -31.10
N LYS F 43 -9.71 5.99 -32.05
CA LYS F 43 -10.28 6.03 -33.40
C LYS F 43 -10.11 4.67 -34.04
N GLN F 44 -9.05 3.96 -33.64
CA GLN F 44 -8.83 2.63 -34.17
C GLN F 44 -9.87 1.64 -33.67
N VAL F 45 -10.24 1.69 -32.38
CA VAL F 45 -11.21 0.74 -31.84
C VAL F 45 -12.64 1.22 -31.94
N HIS F 46 -12.84 2.53 -31.92
CA HIS F 46 -14.20 3.05 -32.07
C HIS F 46 -14.06 4.27 -32.92
N PRO F 47 -14.05 4.08 -34.26
CA PRO F 47 -13.93 5.12 -35.26
C PRO F 47 -14.88 6.30 -35.12
N ASP F 48 -16.06 6.08 -34.54
CA ASP F 48 -16.99 7.18 -34.40
C ASP F 48 -17.32 7.61 -32.94
N THR F 49 -16.48 7.18 -32.01
CA THR F 49 -16.68 7.51 -30.61
C THR F 49 -15.67 8.58 -30.16
N GLY F 50 -16.15 9.60 -29.46
CA GLY F 50 -15.24 10.64 -28.99
C GLY F 50 -14.88 10.43 -27.52
N ILE F 51 -14.25 11.40 -26.91
CA ILE F 51 -13.91 11.28 -25.51
C ILE F 51 -13.88 12.68 -24.88
N SER F 52 -14.54 12.86 -23.74
CA SER F 52 -14.55 14.18 -23.09
C SER F 52 -13.15 14.48 -22.54
N SER F 53 -12.80 15.75 -22.39
CA SER F 53 -11.45 16.04 -21.90
C SER F 53 -11.16 15.51 -20.50
N LYS F 54 -12.20 15.31 -19.68
CA LYS F 54 -11.99 14.72 -18.37
C LYS F 54 -11.62 13.26 -18.54
N ALA F 55 -12.37 12.57 -19.40
CA ALA F 55 -12.11 11.15 -19.65
C ALA F 55 -10.72 11.03 -20.23
N MET F 56 -10.38 11.94 -21.11
CA MET F 56 -9.06 11.90 -21.69
C MET F 56 -8.06 12.17 -20.58
N SER F 57 -8.45 13.01 -19.63
CA SER F 57 -7.54 13.28 -18.53
C SER F 57 -7.35 12.03 -17.70
N ILE F 58 -8.44 11.31 -17.43
CA ILE F 58 -8.32 10.04 -16.69
C ILE F 58 -7.33 9.09 -17.41
N MET F 59 -7.53 8.89 -18.73
CA MET F 59 -6.70 8.01 -19.54
C MET F 59 -5.24 8.43 -19.53
N ASN F 60 -5.00 9.72 -19.59
CA ASN F 60 -3.63 10.18 -19.56
C ASN F 60 -3.04 9.82 -18.18
N SER F 61 -3.85 9.87 -17.12
CA SER F 61 -3.31 9.49 -15.81
C SER F 61 -3.05 7.99 -15.80
N PHE F 62 -3.91 7.23 -16.47
CA PHE F 62 -3.77 5.77 -16.50
C PHE F 62 -2.50 5.35 -17.21
N VAL F 63 -2.25 5.96 -18.35
CA VAL F 63 -1.07 5.60 -19.10
C VAL F 63 0.18 5.96 -18.35
N ASN F 64 0.19 7.13 -17.71
CA ASN F 64 1.37 7.53 -16.93
C ASN F 64 1.57 6.61 -15.73
N ASP F 65 0.48 6.20 -15.09
CA ASP F 65 0.55 5.32 -13.93
C ASP F 65 1.20 3.98 -14.35
N ILE F 66 0.74 3.42 -15.46
CA ILE F 66 1.29 2.17 -15.97
C ILE F 66 2.77 2.33 -16.29
N PHE F 67 3.12 3.41 -16.97
CA PHE F 67 4.53 3.62 -17.30
C PHE F 67 5.35 3.59 -16.01
N GLU F 68 4.97 4.41 -15.04
CA GLU F 68 5.65 4.49 -13.75
C GLU F 68 5.75 3.16 -13.01
N ARG F 69 4.64 2.42 -12.93
CA ARG F 69 4.72 1.16 -12.21
C ARG F 69 5.64 0.19 -12.89
N ILE F 70 5.59 0.13 -14.21
CA ILE F 70 6.45 -0.81 -14.92
C ILE F 70 7.91 -0.40 -14.87
N ALA F 71 8.19 0.86 -15.06
CA ALA F 71 9.59 1.33 -15.02
C ALA F 71 10.19 1.09 -13.62
N ALA F 72 9.45 1.42 -12.58
CA ALA F 72 9.95 1.24 -11.22
C ALA F 72 10.23 -0.24 -10.95
N GLU F 73 9.35 -1.13 -11.38
CA GLU F 73 9.59 -2.56 -11.15
C GLU F 73 10.82 -3.01 -11.97
N ALA F 74 10.91 -2.58 -13.23
CA ALA F 74 12.05 -2.92 -14.09
C ALA F 74 13.32 -2.42 -13.39
N SER F 75 13.24 -1.17 -12.92
CA SER F 75 14.35 -0.58 -12.20
C SER F 75 14.76 -1.50 -11.06
N ARG F 76 13.79 -1.96 -10.28
CA ARG F 76 14.07 -2.86 -9.17
C ARG F 76 14.68 -4.18 -9.67
N LEU F 77 14.12 -4.71 -10.75
CA LEU F 77 14.63 -5.96 -11.30
C LEU F 77 16.09 -5.83 -11.63
N ALA F 78 16.44 -4.69 -12.24
CA ALA F 78 17.82 -4.43 -12.61
C ALA F 78 18.72 -4.40 -11.38
N HIS F 79 18.33 -3.63 -10.36
CA HIS F 79 19.15 -3.55 -9.15
C HIS F 79 19.31 -4.89 -8.48
N TYR F 80 18.21 -5.63 -8.31
CA TYR F 80 18.26 -6.94 -7.69
C TYR F 80 19.25 -7.90 -8.35
N ASN F 81 19.52 -7.71 -9.63
CA ASN F 81 20.44 -8.60 -10.32
C ASN F 81 21.72 -7.91 -10.73
N LYS F 82 22.04 -6.82 -10.04
CA LYS F 82 23.27 -6.10 -10.30
C LYS F 82 23.46 -5.75 -11.77
N ARG F 83 22.38 -5.40 -12.44
CA ARG F 83 22.47 -5.01 -13.84
C ARG F 83 22.28 -3.51 -13.92
N SER F 84 22.98 -2.87 -14.86
CA SER F 84 22.89 -1.42 -14.97
C SER F 84 22.09 -1.04 -16.19
N THR F 85 21.54 -2.05 -16.84
CA THR F 85 20.76 -1.80 -18.03
C THR F 85 19.31 -2.28 -17.91
N ILE F 86 18.37 -1.43 -18.28
CA ILE F 86 16.98 -1.87 -18.29
C ILE F 86 16.70 -2.32 -19.74
N THR F 87 16.52 -3.62 -19.93
CA THR F 87 16.24 -4.14 -21.26
C THR F 87 14.78 -4.55 -21.43
N SER F 88 14.41 -5.00 -22.62
CA SER F 88 13.04 -5.41 -22.87
C SER F 88 12.72 -6.61 -21.97
N ARG F 89 13.77 -7.33 -21.55
CA ARG F 89 13.58 -8.47 -20.67
C ARG F 89 13.15 -8.06 -19.25
N GLU F 90 13.74 -7.02 -18.69
CA GLU F 90 13.31 -6.56 -17.37
C GLU F 90 11.86 -6.10 -17.53
N ILE F 91 11.59 -5.33 -18.59
CA ILE F 91 10.25 -4.85 -18.85
C ILE F 91 9.24 -6.00 -18.92
N GLN F 92 9.61 -7.08 -19.58
CA GLN F 92 8.70 -8.20 -19.71
C GLN F 92 8.40 -8.77 -18.34
N THR F 93 9.45 -9.00 -17.55
CA THR F 93 9.27 -9.52 -16.22
C THR F 93 8.42 -8.54 -15.39
N ALA F 94 8.67 -7.24 -15.49
CA ALA F 94 7.89 -6.27 -14.74
C ALA F 94 6.44 -6.46 -15.10
N VAL F 95 6.15 -6.57 -16.39
CA VAL F 95 4.77 -6.74 -16.82
C VAL F 95 4.14 -8.01 -16.22
N ARG F 96 4.93 -9.06 -16.10
CA ARG F 96 4.39 -10.30 -15.55
C ARG F 96 4.06 -10.15 -14.08
N LEU F 97 4.87 -9.38 -13.38
CA LEU F 97 4.69 -9.15 -11.94
C LEU F 97 3.53 -8.18 -11.64
N LEU F 98 3.30 -7.24 -12.54
CA LEU F 98 2.29 -6.22 -12.38
C LEU F 98 0.93 -6.51 -12.92
N LEU F 99 0.81 -7.11 -14.09
CA LEU F 99 -0.52 -7.34 -14.60
C LEU F 99 -1.05 -8.71 -14.21
N PRO F 100 -2.38 -8.83 -14.08
CA PRO F 100 -2.96 -10.13 -13.72
C PRO F 100 -3.25 -11.01 -14.94
N GLY F 101 -3.32 -12.32 -14.70
CA GLY F 101 -3.62 -13.31 -15.72
C GLY F 101 -3.70 -12.97 -17.20
N GLU F 102 -4.91 -12.88 -17.72
CA GLU F 102 -5.10 -12.58 -19.13
C GLU F 102 -4.40 -11.31 -19.58
N LEU F 103 -4.55 -10.22 -18.82
CA LEU F 103 -3.88 -8.99 -19.22
C LEU F 103 -2.38 -9.20 -19.42
N ALA F 104 -1.74 -9.93 -18.52
CA ALA F 104 -0.32 -10.15 -18.64
C ALA F 104 0.00 -10.83 -19.97
N LYS F 105 -0.61 -11.99 -20.23
CA LYS F 105 -0.38 -12.73 -21.47
C LYS F 105 -0.44 -11.89 -22.74
N HIS F 106 -1.50 -11.12 -22.89
CA HIS F 106 -1.65 -10.31 -24.07
C HIS F 106 -0.61 -9.21 -24.14
N ALA F 107 -0.36 -8.56 -23.00
CA ALA F 107 0.61 -7.47 -22.98
C ALA F 107 1.95 -8.02 -23.40
N VAL F 108 2.26 -9.21 -22.90
CA VAL F 108 3.53 -9.84 -23.25
C VAL F 108 3.64 -10.15 -24.75
N SER F 109 2.56 -10.62 -25.38
CA SER F 109 2.61 -10.88 -26.82
C SER F 109 2.81 -9.58 -27.56
N GLU F 110 1.97 -8.62 -27.23
CA GLU F 110 2.02 -7.33 -27.89
C GLU F 110 3.38 -6.69 -27.77
N GLY F 111 4.05 -6.92 -26.64
CA GLY F 111 5.35 -6.35 -26.45
C GLY F 111 6.41 -7.11 -27.23
N THR F 112 6.34 -8.43 -27.14
CA THR F 112 7.28 -9.30 -27.84
C THR F 112 7.17 -9.02 -29.34
N LYS F 113 5.95 -8.92 -29.82
CA LYS F 113 5.72 -8.65 -31.21
C LYS F 113 6.36 -7.36 -31.64
N ALA F 114 6.07 -6.29 -30.90
CA ALA F 114 6.60 -4.99 -31.25
C ALA F 114 8.10 -4.97 -31.29
N VAL F 115 8.73 -5.67 -30.36
CA VAL F 115 10.19 -5.69 -30.31
C VAL F 115 10.79 -6.48 -31.48
N THR F 116 10.24 -7.66 -31.70
CA THR F 116 10.63 -8.55 -32.78
C THR F 116 10.49 -7.84 -34.14
N LYS F 117 9.42 -7.08 -34.32
CA LYS F 117 9.22 -6.36 -35.57
C LYS F 117 10.17 -5.17 -35.64
N TYR F 118 10.43 -4.57 -34.49
CA TYR F 118 11.32 -3.43 -34.42
C TYR F 118 12.72 -3.84 -34.85
N THR F 119 13.18 -4.98 -34.35
CA THR F 119 14.53 -5.42 -34.68
C THR F 119 14.64 -5.91 -36.12
N SER F 120 13.52 -6.27 -36.72
CA SER F 120 13.53 -6.73 -38.11
C SER F 120 13.83 -5.57 -39.05
N SER F 121 14.01 -4.38 -38.51
CA SER F 121 14.31 -3.22 -39.36
C SER F 121 15.72 -2.68 -39.13
N LYS F 122 16.29 -2.07 -40.16
CA LYS F 122 17.62 -1.47 -40.06
C LYS F 122 17.43 -0.06 -39.48
N LYS G 37 -57.00 10.27 3.40
CA LYS G 37 -55.72 9.82 4.04
C LYS G 37 -54.49 10.02 3.11
N PRO G 38 -53.64 11.04 3.38
CA PRO G 38 -52.45 11.36 2.58
C PRO G 38 -51.56 10.19 2.20
N HIS G 39 -50.84 10.38 1.09
CA HIS G 39 -49.94 9.37 0.59
C HIS G 39 -48.58 9.43 1.28
N ARG G 40 -48.15 8.28 1.79
CA ARG G 40 -46.88 8.19 2.47
C ARG G 40 -46.19 6.93 2.04
N TYR G 41 -44.99 7.05 1.48
CA TYR G 41 -44.25 5.85 1.12
C TYR G 41 -43.79 5.26 2.45
N ARG G 42 -43.64 3.94 2.52
CA ARG G 42 -43.24 3.33 3.78
C ARG G 42 -41.75 3.56 4.10
N PRO G 43 -41.38 3.42 5.39
CA PRO G 43 -39.99 3.61 5.82
C PRO G 43 -39.02 2.69 5.08
N GLY G 44 -38.12 3.26 4.28
CA GLY G 44 -37.16 2.43 3.57
C GLY G 44 -37.35 2.49 2.07
N THR G 45 -38.56 2.82 1.65
CA THR G 45 -38.84 2.91 0.25
C THR G 45 -38.13 4.09 -0.38
N VAL G 46 -38.21 5.24 0.25
CA VAL G 46 -37.55 6.40 -0.31
C VAL G 46 -36.04 6.17 -0.23
N ALA G 47 -35.60 5.54 0.86
CA ALA G 47 -34.18 5.26 1.04
C ALA G 47 -33.62 4.42 -0.13
N LEU G 48 -34.39 3.42 -0.57
CA LEU G 48 -33.98 2.56 -1.68
C LEU G 48 -33.99 3.34 -2.98
N ARG G 49 -34.92 4.27 -3.11
CA ARG G 49 -34.97 5.09 -4.30
C ARG G 49 -33.71 5.96 -4.35
N GLU G 50 -33.27 6.43 -3.17
CA GLU G 50 -32.08 7.27 -3.08
C GLU G 50 -30.82 6.45 -3.35
N ILE G 51 -30.77 5.21 -2.85
CA ILE G 51 -29.60 4.38 -3.15
C ILE G 51 -29.48 4.22 -4.68
N ARG G 52 -30.60 3.96 -5.35
CA ARG G 52 -30.55 3.79 -6.79
C ARG G 52 -30.22 5.09 -7.46
N ARG G 53 -30.71 6.19 -6.91
CA ARG G 53 -30.47 7.47 -7.55
C ARG G 53 -29.01 7.92 -7.47
N TYR G 54 -28.41 7.84 -6.29
CA TYR G 54 -27.02 8.27 -6.13
C TYR G 54 -26.00 7.28 -6.66
N GLN G 55 -26.39 6.02 -6.78
CA GLN G 55 -25.48 5.02 -7.31
C GLN G 55 -25.41 5.15 -8.82
N LYS G 56 -26.38 5.83 -9.38
CA LYS G 56 -26.45 6.02 -10.82
C LYS G 56 -25.73 7.29 -11.23
N SER G 57 -25.55 8.21 -10.29
CA SER G 57 -24.87 9.44 -10.67
C SER G 57 -23.40 9.54 -10.21
N THR G 58 -22.75 10.60 -10.66
CA THR G 58 -21.36 10.76 -10.32
C THR G 58 -21.02 12.13 -9.76
N GLU G 59 -22.03 12.97 -9.55
CA GLU G 59 -21.78 14.33 -9.04
C GLU G 59 -21.31 14.30 -7.60
N LEU G 60 -20.67 15.38 -7.17
CA LEU G 60 -20.22 15.45 -5.77
C LEU G 60 -21.46 15.64 -4.90
N LEU G 61 -21.48 14.96 -3.77
CA LEU G 61 -22.60 15.01 -2.87
C LEU G 61 -22.49 16.01 -1.73
N ILE G 62 -21.29 16.59 -1.55
CA ILE G 62 -21.07 17.56 -0.49
C ILE G 62 -21.08 18.94 -1.14
N ARG G 63 -21.71 19.91 -0.49
CA ARG G 63 -21.78 21.27 -1.00
C ARG G 63 -20.36 21.79 -1.25
N LYS G 64 -20.13 22.44 -2.39
CA LYS G 64 -18.80 22.91 -2.74
C LYS G 64 -18.14 23.93 -1.79
N LEU G 65 -18.72 25.12 -1.64
CA LEU G 65 -18.14 26.12 -0.77
C LEU G 65 -17.90 25.62 0.68
N PRO G 66 -18.88 24.96 1.30
CA PRO G 66 -18.67 24.48 2.67
C PRO G 66 -17.48 23.54 2.78
N PHE G 67 -17.23 22.76 1.73
CA PHE G 67 -16.12 21.82 1.74
C PHE G 67 -14.81 22.57 1.59
N GLN G 68 -14.81 23.57 0.72
CA GLN G 68 -13.65 24.39 0.48
C GLN G 68 -13.23 25.15 1.76
N ARG G 69 -14.20 25.48 2.60
CA ARG G 69 -13.88 26.19 3.82
C ARG G 69 -13.25 25.21 4.79
N LEU G 70 -13.74 23.98 4.79
CA LEU G 70 -13.20 22.94 5.65
C LEU G 70 -11.74 22.68 5.30
N VAL G 71 -11.43 22.68 4.01
CA VAL G 71 -10.07 22.43 3.58
C VAL G 71 -9.17 23.59 3.99
N ARG G 72 -9.67 24.80 3.84
CA ARG G 72 -8.88 25.98 4.15
C ARG G 72 -8.60 26.10 5.64
N GLU G 73 -9.59 25.71 6.43
CA GLU G 73 -9.44 25.75 7.86
C GLU G 73 -8.38 24.76 8.31
N ILE G 74 -8.45 23.50 7.84
CA ILE G 74 -7.48 22.45 8.19
C ILE G 74 -6.08 22.80 7.66
N ALA G 75 -6.00 23.30 6.44
CA ALA G 75 -4.70 23.68 5.91
C ALA G 75 -4.12 24.82 6.73
N GLN G 76 -4.97 25.78 7.10
CA GLN G 76 -4.56 26.96 7.83
C GLN G 76 -3.96 26.61 9.19
N ASP G 77 -4.50 25.58 9.85
CA ASP G 77 -3.92 25.13 11.10
C ASP G 77 -2.55 24.46 10.91
N PHE G 78 -2.16 24.13 9.67
CA PHE G 78 -0.83 23.55 9.43
C PHE G 78 0.15 24.65 9.04
N LYS G 79 -0.31 25.55 8.19
CA LYS G 79 0.54 26.60 7.69
C LYS G 79 -0.36 27.77 7.35
N THR G 80 0.03 28.97 7.72
CA THR G 80 -0.80 30.13 7.44
C THR G 80 -0.46 30.74 6.07
N ASP G 81 -1.34 31.59 5.58
CA ASP G 81 -1.13 32.29 4.30
C ASP G 81 -1.07 31.40 3.03
N LEU G 82 -1.64 30.19 3.09
CA LEU G 82 -1.65 29.29 1.93
C LEU G 82 -2.79 29.63 0.97
N ARG G 83 -2.52 29.41 -0.31
CA ARG G 83 -3.50 29.62 -1.37
C ARG G 83 -3.67 28.25 -2.02
N PHE G 84 -4.84 28.02 -2.63
CA PHE G 84 -5.16 26.77 -3.32
C PHE G 84 -5.60 26.99 -4.76
N GLN G 85 -5.08 26.21 -5.71
CA GLN G 85 -5.61 26.31 -7.08
C GLN G 85 -7.04 25.76 -6.89
N SER G 86 -8.01 26.22 -7.65
CA SER G 86 -9.34 25.68 -7.45
C SER G 86 -9.40 24.16 -7.68
N SER G 87 -8.52 23.61 -8.52
CA SER G 87 -8.52 22.18 -8.82
C SER G 87 -7.90 21.36 -7.71
N ALA G 88 -7.11 21.99 -6.87
CA ALA G 88 -6.55 21.28 -5.71
C ALA G 88 -7.70 20.96 -4.77
N VAL G 89 -8.59 21.93 -4.57
CA VAL G 89 -9.72 21.69 -3.67
C VAL G 89 -10.67 20.66 -4.25
N MET G 90 -10.79 20.63 -5.57
CA MET G 90 -11.69 19.66 -6.21
C MET G 90 -11.10 18.25 -6.12
N ALA G 91 -9.77 18.16 -6.25
CA ALA G 91 -9.10 16.87 -6.13
C ALA G 91 -9.39 16.34 -4.73
N LEU G 92 -9.23 17.18 -3.71
CA LEU G 92 -9.48 16.76 -2.33
C LEU G 92 -10.94 16.32 -2.18
N GLN G 93 -11.84 17.06 -2.77
CA GLN G 93 -13.22 16.68 -2.60
C GLN G 93 -13.49 15.33 -3.30
N GLU G 94 -12.88 15.11 -4.46
CA GLU G 94 -13.15 13.85 -5.14
C GLU G 94 -12.55 12.72 -4.35
N ALA G 95 -11.36 12.94 -3.79
CA ALA G 95 -10.74 11.90 -3.00
C ALA G 95 -11.49 11.65 -1.70
N SER G 96 -12.02 12.70 -1.09
CA SER G 96 -12.73 12.56 0.18
C SER G 96 -14.03 11.83 0.01
N GLU G 97 -14.76 12.20 -1.04
CA GLU G 97 -16.00 11.53 -1.28
C GLU G 97 -15.82 10.08 -1.71
N ALA G 98 -14.80 9.80 -2.53
CA ALA G 98 -14.60 8.40 -2.94
C ALA G 98 -14.26 7.66 -1.69
N TYR G 99 -13.47 8.27 -0.83
CA TYR G 99 -13.08 7.61 0.42
C TYR G 99 -14.27 7.33 1.36
N LEU G 100 -15.14 8.33 1.60
CA LEU G 100 -16.27 8.11 2.51
C LEU G 100 -17.28 7.11 1.93
N VAL G 101 -17.55 7.18 0.62
CA VAL G 101 -18.47 6.23 -0.02
C VAL G 101 -17.91 4.81 0.16
N GLY G 102 -16.63 4.63 -0.11
CA GLY G 102 -16.09 3.29 0.04
C GLY G 102 -16.17 2.82 1.49
N LEU G 103 -15.91 3.71 2.42
CA LEU G 103 -15.94 3.32 3.81
C LEU G 103 -17.39 2.94 4.20
N PHE G 104 -18.36 3.66 3.65
CA PHE G 104 -19.76 3.34 3.92
C PHE G 104 -20.14 1.99 3.31
N GLU G 105 -19.51 1.57 2.21
CA GLU G 105 -19.84 0.24 1.69
C GLU G 105 -19.36 -0.81 2.72
N ASP G 106 -18.14 -0.65 3.22
CA ASP G 106 -17.59 -1.59 4.23
C ASP G 106 -18.37 -1.57 5.53
N THR G 107 -18.77 -0.37 5.96
CA THR G 107 -19.51 -0.21 7.19
C THR G 107 -20.81 -0.97 7.03
N ASN G 108 -21.42 -0.83 5.86
CA ASN G 108 -22.69 -1.49 5.57
C ASN G 108 -22.54 -3.03 5.63
N LEU G 109 -21.39 -3.56 5.21
CA LEU G 109 -21.18 -5.00 5.31
C LEU G 109 -21.03 -5.40 6.77
N CYS G 110 -20.51 -4.52 7.61
CA CYS G 110 -20.35 -4.87 9.02
C CYS G 110 -21.71 -4.90 9.72
N ALA G 111 -22.59 -3.99 9.36
CA ALA G 111 -23.93 -3.95 9.94
C ALA G 111 -24.69 -5.21 9.55
N ILE G 112 -24.74 -5.49 8.25
CA ILE G 112 -25.43 -6.62 7.73
C ILE G 112 -24.89 -7.91 8.37
N HIS G 113 -23.60 -7.92 8.67
CA HIS G 113 -22.96 -9.06 9.29
C HIS G 113 -23.50 -9.24 10.72
N ALA G 114 -23.91 -8.14 11.33
CA ALA G 114 -24.47 -8.15 12.69
C ALA G 114 -25.96 -8.39 12.59
N LYS G 115 -26.46 -8.60 11.38
CA LYS G 115 -27.87 -8.83 11.15
C LYS G 115 -28.78 -7.58 11.35
N ARG G 116 -28.23 -6.43 11.06
CA ARG G 116 -28.94 -5.17 11.19
C ARG G 116 -28.96 -4.60 9.78
N VAL G 117 -29.66 -3.50 9.62
CA VAL G 117 -29.71 -2.87 8.33
C VAL G 117 -29.38 -1.42 8.61
N THR G 118 -29.05 -1.14 9.85
CA THR G 118 -28.76 0.22 10.28
C THR G 118 -27.28 0.34 10.56
N ILE G 119 -26.60 1.27 9.92
CA ILE G 119 -25.19 1.36 10.22
C ILE G 119 -24.99 2.16 11.48
N MET G 120 -24.06 1.70 12.32
CA MET G 120 -23.76 2.37 13.57
C MET G 120 -22.27 2.67 13.70
N PRO G 121 -21.87 3.54 14.64
CA PRO G 121 -20.47 3.91 14.88
C PRO G 121 -19.60 2.67 15.05
N LYS G 122 -20.09 1.67 15.75
CA LYS G 122 -19.28 0.49 15.89
C LYS G 122 -19.02 -0.25 14.55
N ASP G 123 -19.83 0.01 13.53
CA ASP G 123 -19.66 -0.66 12.24
C ASP G 123 -18.51 0.02 11.49
N ILE G 124 -18.46 1.35 11.57
CA ILE G 124 -17.40 2.14 10.92
C ILE G 124 -16.08 1.82 11.60
N GLN G 125 -16.10 1.77 12.92
CA GLN G 125 -14.91 1.46 13.70
C GLN G 125 -14.44 0.05 13.37
N LEU G 126 -15.36 -0.89 13.19
CA LEU G 126 -14.95 -2.25 12.88
C LEU G 126 -14.27 -2.24 11.52
N ALA G 127 -14.90 -1.61 10.54
CA ALA G 127 -14.34 -1.52 9.22
C ALA G 127 -12.98 -0.80 9.18
N ARG G 128 -12.85 0.31 9.88
CA ARG G 128 -11.57 1.03 9.88
C ARG G 128 -10.49 0.25 10.57
N ARG G 129 -10.84 -0.56 11.56
CA ARG G 129 -9.83 -1.36 12.25
C ARG G 129 -9.31 -2.47 11.32
N ILE G 130 -10.22 -3.22 10.71
CA ILE G 130 -9.78 -4.27 9.82
C ILE G 130 -8.99 -3.70 8.65
N ARG G 131 -9.35 -2.49 8.24
CA ARG G 131 -8.70 -1.78 7.13
C ARG G 131 -7.30 -1.29 7.46
N GLY G 132 -6.94 -1.34 8.75
CA GLY G 132 -5.62 -0.89 9.15
C GLY G 132 -5.58 0.60 9.42
N GLU G 133 -6.68 1.29 9.18
CA GLU G 133 -6.70 2.70 9.45
C GLU G 133 -6.64 2.92 10.96
N ARG G 134 -6.70 1.84 11.74
CA ARG G 134 -6.66 1.98 13.19
C ARG G 134 -6.07 0.83 14.06
N ALA G 135 -6.19 1.03 15.39
CA ALA G 135 -5.64 0.12 16.41
C ALA G 135 -6.56 -0.87 17.16
N ALA H 15 -12.02 45.13 1.99
CA ALA H 15 -11.28 45.63 3.18
C ALA H 15 -10.55 44.44 3.81
N LYS H 16 -9.24 44.49 3.69
CA LYS H 16 -8.32 43.44 4.13
C LYS H 16 -8.34 43.04 5.59
N ARG H 17 -9.00 43.81 6.45
CA ARG H 17 -8.91 43.47 7.84
C ARG H 17 -9.77 42.34 8.28
N HIS H 18 -9.42 41.87 9.50
CA HIS H 18 -10.16 40.83 10.20
C HIS H 18 -10.81 39.86 9.23
N ARG H 19 -9.89 39.27 8.46
CA ARG H 19 -10.10 38.25 7.46
C ARG H 19 -11.08 37.30 8.17
N LYS H 20 -12.03 36.71 7.45
CA LYS H 20 -12.96 35.83 8.11
C LYS H 20 -12.20 34.75 8.88
N VAL H 21 -12.60 34.47 10.12
CA VAL H 21 -11.95 33.45 10.95
C VAL H 21 -12.66 32.12 10.65
N LEU H 22 -11.90 31.06 10.41
CA LEU H 22 -12.43 29.79 10.05
C LEU H 22 -12.55 28.95 11.27
N ARG H 23 -13.77 28.60 11.60
CA ARG H 23 -13.95 27.69 12.71
C ARG H 23 -15.25 26.86 12.62
N ASP H 24 -15.17 25.61 13.06
CA ASP H 24 -16.33 24.71 13.07
C ASP H 24 -16.83 24.35 11.65
N ASN H 25 -15.97 24.49 10.66
CA ASN H 25 -16.33 24.19 9.29
C ASN H 25 -16.65 22.71 9.06
N ILE H 26 -16.15 21.83 9.92
CA ILE H 26 -16.44 20.42 9.79
C ILE H 26 -17.95 20.22 9.85
N GLN H 27 -18.68 21.21 10.36
CA GLN H 27 -20.13 21.08 10.43
C GLN H 27 -20.77 21.47 9.12
N GLY H 28 -19.93 21.85 8.17
CA GLY H 28 -20.39 22.22 6.84
C GLY H 28 -20.75 20.91 6.18
N ILE H 29 -20.10 19.82 6.61
CA ILE H 29 -20.45 18.50 6.07
C ILE H 29 -21.76 18.15 6.77
N THR H 30 -22.88 18.48 6.14
CA THR H 30 -24.19 18.26 6.76
C THR H 30 -24.73 16.86 6.84
N LYS H 31 -25.78 16.71 7.63
CA LYS H 31 -26.44 15.44 7.80
C LYS H 31 -26.98 15.01 6.41
N PRO H 32 -27.58 15.93 5.64
CA PRO H 32 -28.07 15.52 4.33
C PRO H 32 -26.94 15.08 3.40
N ALA H 33 -25.78 15.72 3.49
CA ALA H 33 -24.67 15.32 2.63
C ALA H 33 -24.12 13.97 3.08
N ILE H 34 -24.01 13.75 4.37
CA ILE H 34 -23.50 12.46 4.79
C ILE H 34 -24.52 11.38 4.36
N ARG H 35 -25.81 11.66 4.48
CA ARG H 35 -26.84 10.70 4.10
C ARG H 35 -26.66 10.34 2.62
N ARG H 36 -26.40 11.34 1.79
CA ARG H 36 -26.23 11.06 0.38
C ARG H 36 -25.04 10.13 0.08
N LEU H 37 -23.89 10.41 0.70
CA LEU H 37 -22.70 9.60 0.50
C LEU H 37 -22.99 8.16 0.91
N ALA H 38 -23.67 8.02 2.05
CA ALA H 38 -23.99 6.72 2.56
C ALA H 38 -24.89 5.99 1.54
N ARG H 39 -25.80 6.73 0.92
CA ARG H 39 -26.68 6.15 -0.08
C ARG H 39 -25.86 5.67 -1.26
N ARG H 40 -24.96 6.50 -1.75
CA ARG H 40 -24.15 6.04 -2.85
C ARG H 40 -23.41 4.80 -2.39
N GLY H 41 -23.18 4.68 -1.08
CA GLY H 41 -22.46 3.52 -0.56
C GLY H 41 -23.39 2.35 -0.31
N GLY H 42 -24.66 2.55 -0.67
CA GLY H 42 -25.61 1.47 -0.52
C GLY H 42 -26.24 1.29 0.83
N VAL H 43 -26.14 2.30 1.69
CA VAL H 43 -26.69 2.26 3.03
C VAL H 43 -28.15 2.66 3.06
N LYS H 44 -28.96 1.78 3.61
CA LYS H 44 -30.40 1.97 3.72
C LYS H 44 -30.90 2.70 4.97
N ARG H 45 -30.33 2.38 6.13
CA ARG H 45 -30.77 2.98 7.37
C ARG H 45 -29.54 3.49 8.18
N ILE H 46 -29.65 4.72 8.67
CA ILE H 46 -28.58 5.38 9.40
C ILE H 46 -28.82 5.80 10.85
N SER H 47 -28.04 5.23 11.76
CA SER H 47 -28.14 5.55 13.17
C SER H 47 -27.83 7.02 13.45
N GLY H 48 -28.50 7.61 14.44
CA GLY H 48 -28.25 9.02 14.75
C GLY H 48 -26.83 9.45 15.05
N LEU H 49 -25.99 8.55 15.56
CA LEU H 49 -24.62 8.90 15.88
C LEU H 49 -23.62 8.79 14.71
N ILE H 50 -24.11 8.34 13.55
CA ILE H 50 -23.23 8.19 12.39
C ILE H 50 -22.69 9.52 11.89
N TYR H 51 -23.49 10.57 12.01
CA TYR H 51 -23.06 11.86 11.52
C TYR H 51 -21.79 12.42 12.14
N GLU H 52 -21.71 12.46 13.47
CA GLU H 52 -20.52 12.98 14.11
C GLU H 52 -19.33 12.05 13.89
N GLU H 53 -19.57 10.74 13.87
CA GLU H 53 -18.50 9.79 13.64
C GLU H 53 -17.87 10.05 12.25
N THR H 54 -18.73 10.26 11.25
CA THR H 54 -18.30 10.51 9.90
C THR H 54 -17.50 11.79 9.79
N ARG H 55 -18.00 12.86 10.38
CA ARG H 55 -17.25 14.11 10.37
C ARG H 55 -15.84 13.87 10.97
N GLY H 56 -15.77 13.11 12.05
CA GLY H 56 -14.49 12.85 12.67
C GLY H 56 -13.59 12.09 11.71
N VAL H 57 -14.16 11.07 11.08
CA VAL H 57 -13.41 10.29 10.14
C VAL H 57 -12.97 11.13 8.96
N LEU H 58 -13.85 11.95 8.42
CA LEU H 58 -13.45 12.79 7.30
C LEU H 58 -12.30 13.73 7.67
N LYS H 59 -12.39 14.31 8.87
CA LYS H 59 -11.38 15.24 9.34
C LYS H 59 -10.01 14.59 9.42
N VAL H 60 -9.92 13.38 9.95
CA VAL H 60 -8.64 12.69 10.03
C VAL H 60 -8.09 12.50 8.62
N PHE H 61 -8.93 12.03 7.70
CA PHE H 61 -8.56 11.82 6.32
C PHE H 61 -7.99 13.06 5.74
N LEU H 62 -8.75 14.15 5.79
CA LEU H 62 -8.26 15.41 5.24
C LEU H 62 -6.96 15.96 5.84
N GLU H 63 -6.79 15.82 7.16
CA GLU H 63 -5.59 16.37 7.78
C GLU H 63 -4.37 15.65 7.27
N ASN H 64 -4.49 14.32 7.16
CA ASN H 64 -3.38 13.53 6.69
C ASN H 64 -3.01 13.88 5.27
N VAL H 65 -4.00 14.03 4.41
CA VAL H 65 -3.74 14.36 3.01
C VAL H 65 -3.27 15.80 2.89
N ILE H 66 -4.00 16.74 3.49
CA ILE H 66 -3.58 18.13 3.39
C ILE H 66 -2.19 18.37 4.01
N ARG H 67 -1.90 17.71 5.13
CA ARG H 67 -0.59 17.86 5.76
C ARG H 67 0.49 17.50 4.74
N ASP H 68 0.37 16.34 4.11
CA ASP H 68 1.35 15.93 3.11
C ASP H 68 1.35 16.84 1.92
N ALA H 69 0.18 17.25 1.42
CA ALA H 69 0.17 18.14 0.26
C ALA H 69 0.93 19.42 0.62
N VAL H 70 0.63 20.00 1.77
CA VAL H 70 1.31 21.22 2.20
C VAL H 70 2.80 20.98 2.36
N THR H 71 3.21 19.80 2.83
CA THR H 71 4.64 19.55 2.92
C THR H 71 5.25 19.60 1.51
N TYR H 72 4.55 19.06 0.51
CA TYR H 72 5.08 19.11 -0.86
C TYR H 72 5.13 20.56 -1.31
N THR H 73 4.07 21.30 -1.03
CA THR H 73 4.03 22.72 -1.38
C THR H 73 5.22 23.45 -0.78
N GLU H 74 5.40 23.34 0.54
CA GLU H 74 6.51 24.02 1.22
C GLU H 74 7.84 23.58 0.66
N HIS H 75 8.01 22.31 0.36
CA HIS H 75 9.30 21.89 -0.17
C HIS H 75 9.64 22.60 -1.47
N ALA H 76 8.63 22.90 -2.27
CA ALA H 76 8.84 23.57 -3.55
C ALA H 76 8.93 25.08 -3.33
N LYS H 77 8.96 25.49 -2.07
CA LYS H 77 9.05 26.91 -1.75
C LYS H 77 7.92 27.72 -2.41
N ARG H 78 6.69 27.23 -2.29
CA ARG H 78 5.52 27.91 -2.83
C ARG H 78 4.52 28.18 -1.73
N LYS H 79 3.55 29.04 -2.02
CA LYS H 79 2.50 29.40 -1.07
C LYS H 79 1.15 28.84 -1.54
N THR H 80 1.12 28.38 -2.78
CA THR H 80 -0.07 27.85 -3.40
C THR H 80 -0.07 26.33 -3.51
N VAL H 81 -1.09 25.71 -2.93
CA VAL H 81 -1.22 24.27 -2.99
C VAL H 81 -1.76 23.89 -4.38
N THR H 82 -1.01 23.09 -5.12
CA THR H 82 -1.43 22.68 -6.46
C THR H 82 -2.17 21.35 -6.45
N ALA H 83 -2.95 21.09 -7.50
CA ALA H 83 -3.68 19.83 -7.64
C ALA H 83 -2.62 18.71 -7.63
N MET H 84 -1.47 18.94 -8.27
CA MET H 84 -0.41 17.93 -8.24
C MET H 84 0.02 17.69 -6.78
N ASP H 85 0.20 18.75 -5.98
CA ASP H 85 0.58 18.54 -4.59
C ASP H 85 -0.41 17.55 -3.97
N VAL H 86 -1.69 17.81 -4.15
CA VAL H 86 -2.72 16.91 -3.61
C VAL H 86 -2.63 15.53 -4.25
N VAL H 87 -2.56 15.47 -5.56
CA VAL H 87 -2.39 14.19 -6.20
C VAL H 87 -1.17 13.45 -5.67
N TYR H 88 -0.08 14.15 -5.41
CA TYR H 88 1.14 13.48 -4.92
C TYR H 88 0.89 13.07 -3.51
N ALA H 89 0.12 13.87 -2.80
CA ALA H 89 -0.16 13.55 -1.41
C ALA H 89 -1.02 12.29 -1.36
N LEU H 90 -2.05 12.23 -2.18
CA LEU H 90 -2.93 11.05 -2.18
C LEU H 90 -2.17 9.77 -2.52
N LYS H 91 -1.29 9.85 -3.52
CA LYS H 91 -0.55 8.68 -3.93
C LYS H 91 0.33 8.07 -2.84
N ARG H 92 1.02 8.89 -2.06
CA ARG H 92 1.89 8.29 -1.07
C ARG H 92 1.08 7.76 0.10
N GLN H 93 -0.23 7.89 0.00
CA GLN H 93 -1.08 7.37 1.04
C GLN H 93 -1.85 6.20 0.52
N GLY H 94 -1.45 5.70 -0.64
CA GLY H 94 -2.10 4.57 -1.26
C GLY H 94 -3.44 4.87 -1.92
N ARG H 95 -3.82 6.14 -2.03
CA ARG H 95 -5.10 6.53 -2.62
C ARG H 95 -4.94 7.21 -3.98
N THR H 96 -4.21 6.61 -4.91
CA THR H 96 -4.03 7.20 -6.25
C THR H 96 -5.27 7.81 -6.87
N LEU H 97 -5.17 9.03 -7.38
CA LEU H 97 -6.31 9.71 -7.97
C LEU H 97 -6.07 10.02 -9.43
N TYR H 98 -7.02 9.66 -10.30
CA TYR H 98 -6.91 9.92 -11.73
C TYR H 98 -7.82 11.08 -12.07
N GLY H 99 -7.34 11.95 -12.96
CA GLY H 99 -8.17 13.05 -13.37
C GLY H 99 -7.71 14.44 -13.06
N PHE H 100 -6.56 14.62 -12.42
CA PHE H 100 -6.13 15.99 -12.13
C PHE H 100 -4.70 16.28 -12.47
N GLY H 101 -4.10 15.45 -13.31
CA GLY H 101 -2.72 15.65 -13.70
C GLY H 101 -1.90 14.47 -13.17
N GLY H 102 -0.64 14.37 -13.63
CA GLY H 102 0.24 13.28 -13.22
C GLY H 102 -0.25 11.85 -13.48
N GLY I 11 46.73 15.66 6.48
CA GLY I 11 46.04 15.67 7.80
C GLY I 11 45.56 14.28 8.11
N LYS I 12 45.86 13.76 9.30
CA LYS I 12 45.39 12.42 9.60
C LYS I 12 43.89 12.38 9.46
N ALA I 13 43.46 11.56 8.52
CA ALA I 13 42.07 11.37 8.14
C ALA I 13 41.08 10.92 9.21
N LYS I 14 40.01 11.69 9.34
CA LYS I 14 38.95 11.37 10.25
C LYS I 14 37.75 11.26 9.31
N SER I 15 37.28 10.03 9.22
CA SER I 15 36.18 9.67 8.35
C SER I 15 35.00 10.60 8.51
N ARG I 16 34.25 10.74 7.42
CA ARG I 16 33.05 11.56 7.39
C ARG I 16 32.06 11.21 8.51
N SER I 17 32.08 9.98 8.98
CA SER I 17 31.21 9.57 10.08
C SER I 17 31.71 10.23 11.34
N ASN I 18 33.03 10.15 11.54
CA ASN I 18 33.67 10.74 12.71
C ASN I 18 33.46 12.24 12.72
N ARG I 19 33.51 12.86 11.54
CA ARG I 19 33.30 14.31 11.44
C ARG I 19 31.87 14.68 11.85
N ALA I 20 30.91 13.88 11.36
CA ALA I 20 29.50 14.08 11.66
C ALA I 20 29.16 13.63 13.06
N GLY I 21 30.05 12.84 13.64
CA GLY I 21 29.81 12.37 14.98
C GLY I 21 28.77 11.28 14.95
N LEU I 22 28.91 10.37 13.98
CA LEU I 22 27.95 9.30 13.82
C LEU I 22 28.63 7.94 13.85
N GLN I 23 27.87 6.91 14.21
CA GLN I 23 28.38 5.55 14.24
C GLN I 23 28.14 4.92 12.88
N PHE I 24 27.13 5.43 12.17
CA PHE I 24 26.78 4.92 10.85
C PHE I 24 27.69 5.46 9.76
N PRO I 25 27.99 4.61 8.77
CA PRO I 25 28.84 4.84 7.60
C PRO I 25 28.37 5.87 6.59
N VAL I 26 28.73 7.12 6.81
CA VAL I 26 28.34 8.21 5.92
C VAL I 26 28.89 7.98 4.51
N GLY I 27 30.06 7.36 4.43
CA GLY I 27 30.63 7.14 3.11
C GLY I 27 29.93 6.03 2.35
N ARG I 28 29.53 4.98 3.08
CA ARG I 28 28.83 3.86 2.49
C ARG I 28 27.45 4.33 2.05
N ILE I 29 26.76 5.01 2.95
CA ILE I 29 25.44 5.53 2.64
C ILE I 29 25.51 6.43 1.42
N HIS I 30 26.58 7.20 1.30
CA HIS I 30 26.70 8.08 0.13
C HIS I 30 26.82 7.27 -1.15
N ARG I 31 27.64 6.23 -1.11
CA ARG I 31 27.84 5.36 -2.26
C ARG I 31 26.50 4.68 -2.64
N LEU I 32 25.76 4.23 -1.62
CA LEU I 32 24.47 3.58 -1.86
C LEU I 32 23.46 4.53 -2.46
N LEU I 33 23.53 5.82 -2.13
CA LEU I 33 22.58 6.75 -2.72
C LEU I 33 22.87 6.83 -4.22
N ARG I 34 24.12 7.08 -4.59
CA ARG I 34 24.52 7.17 -6.00
C ARG I 34 24.14 5.95 -6.84
N LYS I 35 24.59 4.79 -6.39
CA LYS I 35 24.36 3.55 -7.13
C LYS I 35 22.93 3.02 -7.03
N GLY I 36 22.06 3.78 -6.37
CA GLY I 36 20.68 3.36 -6.24
C GLY I 36 19.76 4.06 -7.21
N ASN I 37 20.34 4.84 -8.11
CA ASN I 37 19.55 5.57 -9.10
C ASN I 37 18.46 6.37 -8.44
N TYR I 38 18.85 7.29 -7.57
CA TYR I 38 17.88 8.12 -6.90
C TYR I 38 17.80 9.48 -7.56
N ALA I 39 18.93 9.92 -8.08
CA ALA I 39 19.01 11.21 -8.77
C ALA I 39 20.36 11.29 -9.47
N GLU I 40 20.45 12.17 -10.46
CA GLU I 40 21.68 12.38 -11.19
C GLU I 40 22.83 12.71 -10.21
N ARG I 41 22.61 13.66 -9.29
CA ARG I 41 23.63 14.08 -8.33
C ARG I 41 23.21 13.97 -6.86
N VAL I 42 24.14 13.63 -5.98
CA VAL I 42 23.83 13.51 -4.56
C VAL I 42 24.71 14.48 -3.81
N GLY I 43 24.11 15.40 -3.06
CA GLY I 43 24.87 16.39 -2.32
C GLY I 43 25.57 15.79 -1.10
N ALA I 44 26.61 16.48 -0.62
CA ALA I 44 27.40 16.07 0.53
C ALA I 44 26.62 15.93 1.83
N GLY I 45 25.63 16.78 2.06
CA GLY I 45 24.87 16.69 3.28
C GLY I 45 23.94 15.50 3.37
N ALA I 46 23.25 15.21 2.27
CA ALA I 46 22.29 14.11 2.19
C ALA I 46 22.70 12.84 2.90
N PRO I 47 23.84 12.25 2.51
CA PRO I 47 24.24 11.01 3.19
C PRO I 47 24.47 11.19 4.68
N VAL I 48 24.96 12.38 5.07
CA VAL I 48 25.22 12.68 6.48
C VAL I 48 23.91 12.65 7.24
N TYR I 49 22.96 13.45 6.75
CA TYR I 49 21.62 13.59 7.33
C TYR I 49 20.93 12.23 7.35
N LEU I 50 20.98 11.52 6.24
CA LEU I 50 20.35 10.22 6.16
C LEU I 50 20.97 9.25 7.18
N ALA I 51 22.30 9.20 7.21
CA ALA I 51 22.98 8.31 8.16
C ALA I 51 22.53 8.63 9.58
N ALA I 52 22.42 9.92 9.87
CA ALA I 52 22.00 10.32 11.20
C ALA I 52 20.58 9.86 11.50
N VAL I 53 19.66 10.01 10.55
CA VAL I 53 18.28 9.56 10.79
C VAL I 53 18.21 8.05 11.02
N MET I 54 18.97 7.28 10.24
CA MET I 54 19.01 5.84 10.37
C MET I 54 19.56 5.44 11.74
N GLU I 55 20.71 5.99 12.11
CA GLU I 55 21.32 5.66 13.39
C GLU I 55 20.35 5.99 14.51
N TYR I 56 19.74 7.15 14.41
CA TYR I 56 18.78 7.55 15.41
C TYR I 56 17.69 6.49 15.61
N LEU I 57 17.00 6.12 14.53
CA LEU I 57 15.94 5.13 14.64
C LEU I 57 16.44 3.80 15.16
N ALA I 58 17.65 3.43 14.77
CA ALA I 58 18.30 2.19 15.23
C ALA I 58 18.54 2.26 16.75
N ALA I 59 18.82 3.47 17.22
CA ALA I 59 19.08 3.64 18.65
C ALA I 59 17.74 3.62 19.42
N GLU I 60 16.73 4.28 18.87
CA GLU I 60 15.41 4.31 19.52
C GLU I 60 14.88 2.89 19.70
N VAL I 61 15.08 2.04 18.70
CA VAL I 61 14.58 0.70 18.80
C VAL I 61 15.49 -0.13 19.70
N LEU I 62 16.81 -0.01 19.50
CA LEU I 62 17.74 -0.77 20.33
C LEU I 62 17.57 -0.37 21.80
N GLU I 63 17.37 0.92 22.04
CA GLU I 63 17.18 1.43 23.39
C GLU I 63 15.98 0.74 24.05
N LEU I 64 14.86 0.70 23.34
CA LEU I 64 13.67 0.07 23.87
C LEU I 64 13.83 -1.44 24.05
N ALA I 65 14.33 -2.09 23.00
CA ALA I 65 14.51 -3.53 23.01
C ALA I 65 15.44 -3.95 24.13
N GLY I 66 16.41 -3.11 24.45
CA GLY I 66 17.33 -3.43 25.53
C GLY I 66 16.58 -3.53 26.85
N ASN I 67 15.73 -2.55 27.15
CA ASN I 67 14.93 -2.57 28.38
C ASN I 67 14.03 -3.79 28.38
N ALA I 68 13.43 -4.09 27.25
CA ALA I 68 12.53 -5.23 27.18
C ALA I 68 13.24 -6.52 27.54
N ALA I 69 14.53 -6.60 27.18
CA ALA I 69 15.32 -7.79 27.47
C ALA I 69 15.66 -7.87 28.96
N ARG I 70 15.69 -6.71 29.61
CA ARG I 70 16.00 -6.68 31.04
C ARG I 70 14.75 -6.86 31.89
N ASP I 71 13.57 -6.63 31.31
CA ASP I 71 12.32 -6.81 32.03
C ASP I 71 12.01 -8.32 32.00
N ASN I 72 12.74 -9.03 31.14
CA ASN I 72 12.56 -10.47 30.96
C ASN I 72 13.73 -11.18 31.66
N LYS I 73 14.65 -10.40 32.22
CA LYS I 73 15.82 -10.93 32.92
C LYS I 73 16.74 -11.64 31.93
N LYS I 74 17.02 -10.98 30.82
CA LYS I 74 17.88 -11.51 29.77
C LYS I 74 18.88 -10.44 29.38
N THR I 75 20.02 -10.86 28.86
CA THR I 75 21.11 -9.97 28.48
C THR I 75 21.11 -9.70 26.98
N ARG I 76 20.65 -10.71 26.28
CA ARG I 76 20.65 -10.68 24.85
C ARG I 76 19.30 -10.39 24.19
N ILE I 77 19.27 -9.31 23.40
CA ILE I 77 18.10 -8.93 22.65
C ILE I 77 17.78 -9.98 21.57
N ILE I 78 16.55 -10.48 21.56
CA ILE I 78 16.11 -11.44 20.57
C ILE I 78 14.91 -10.86 19.77
N PRO I 79 14.54 -11.49 18.65
CA PRO I 79 13.43 -11.01 17.83
C PRO I 79 12.15 -10.72 18.61
N ARG I 80 11.89 -11.49 19.65
CA ARG I 80 10.68 -11.28 20.42
C ARG I 80 10.74 -9.91 21.05
N HIS I 81 11.93 -9.54 21.50
CA HIS I 81 12.09 -8.26 22.15
C HIS I 81 11.75 -7.12 21.22
N LEU I 82 12.26 -7.20 19.98
CA LEU I 82 12.01 -6.17 18.97
C LEU I 82 10.52 -6.07 18.67
N GLN I 83 9.86 -7.22 18.54
CA GLN I 83 8.42 -7.22 18.25
C GLN I 83 7.65 -6.49 19.36
N LEU I 84 7.84 -6.89 20.61
CA LEU I 84 7.16 -6.25 21.75
C LEU I 84 7.40 -4.75 21.84
N ALA I 85 8.63 -4.28 21.70
CA ALA I 85 8.89 -2.83 21.77
C ALA I 85 8.24 -2.11 20.57
N ILE I 86 8.30 -2.72 19.39
CA ILE I 86 7.71 -2.08 18.21
C ILE I 86 6.18 -2.02 18.29
N ARG I 87 5.49 -3.13 18.59
CA ARG I 87 4.03 -3.04 18.63
C ARG I 87 3.48 -2.33 19.84
N ASN I 88 4.27 -2.15 20.90
CA ASN I 88 3.76 -1.42 22.06
C ASN I 88 4.00 0.07 21.94
N ASP I 89 4.79 0.50 20.95
CA ASP I 89 5.06 1.93 20.73
C ASP I 89 4.17 2.41 19.59
N GLU I 90 3.34 3.40 19.88
CA GLU I 90 2.41 3.91 18.89
C GLU I 90 3.08 4.38 17.60
N GLU I 91 4.14 5.17 17.72
CA GLU I 91 4.80 5.68 16.54
C GLU I 91 5.62 4.67 15.78
N LEU I 92 6.36 3.82 16.46
CA LEU I 92 7.15 2.80 15.79
C LEU I 92 6.23 1.78 15.13
N ASN I 93 5.06 1.56 15.74
CA ASN I 93 4.12 0.60 15.20
C ASN I 93 3.50 1.10 13.92
N LYS I 94 3.29 2.40 13.81
CA LYS I 94 2.71 2.94 12.58
C LYS I 94 3.75 2.90 11.46
N LEU I 95 4.97 3.31 11.79
CA LEU I 95 6.06 3.31 10.85
C LEU I 95 6.28 1.91 10.25
N LEU I 96 6.08 0.87 11.06
CA LEU I 96 6.28 -0.49 10.61
C LEU I 96 4.99 -1.30 10.55
N SER I 97 3.86 -0.61 10.36
CA SER I 97 2.58 -1.32 10.33
C SER I 97 2.54 -2.37 9.21
N GLY I 98 3.35 -2.19 8.17
CA GLY I 98 3.31 -3.18 7.10
C GLY I 98 4.38 -4.25 7.18
N VAL I 99 5.10 -4.26 8.29
CA VAL I 99 6.20 -5.16 8.49
C VAL I 99 5.97 -6.37 9.37
N THR I 100 6.59 -7.49 8.98
CA THR I 100 6.52 -8.70 9.76
C THR I 100 7.93 -8.97 10.27
N ILE I 101 8.05 -9.18 11.58
CA ILE I 101 9.30 -9.47 12.22
C ILE I 101 9.42 -10.98 12.43
N ALA I 102 10.22 -11.65 11.63
CA ALA I 102 10.40 -13.09 11.78
C ALA I 102 10.63 -13.46 13.25
N GLN I 103 9.95 -14.51 13.71
CA GLN I 103 10.09 -15.00 15.09
C GLN I 103 9.70 -13.96 16.12
N GLY I 104 8.88 -12.99 15.72
CA GLY I 104 8.49 -11.96 16.67
C GLY I 104 7.27 -12.33 17.50
N GLY I 105 6.41 -13.19 16.95
CA GLY I 105 5.20 -13.55 17.65
C GLY I 105 4.24 -12.37 17.68
N VAL I 106 3.29 -12.37 18.61
CA VAL I 106 2.31 -11.29 18.73
C VAL I 106 2.21 -10.81 20.18
N LEU I 107 1.52 -9.69 20.38
CA LEU I 107 1.29 -9.13 21.72
C LEU I 107 0.23 -9.90 22.47
N PRO I 108 0.49 -10.23 23.74
CA PRO I 108 -0.60 -10.96 24.41
C PRO I 108 -1.81 -10.05 24.39
N ASN I 109 -2.95 -10.56 23.97
CA ASN I 109 -4.15 -9.76 23.94
C ASN I 109 -5.35 -10.65 23.76
N ILE I 110 -6.25 -10.60 24.73
CA ILE I 110 -7.47 -11.39 24.72
C ILE I 110 -8.69 -10.50 24.83
N GLN I 111 -9.62 -10.64 23.88
CA GLN I 111 -10.85 -9.86 23.90
C GLN I 111 -11.60 -10.11 25.21
N ALA I 112 -11.91 -9.04 25.90
CA ALA I 112 -12.63 -9.12 27.17
C ALA I 112 -13.86 -10.02 27.16
N VAL I 113 -14.65 -9.97 26.09
CA VAL I 113 -15.84 -10.79 26.00
C VAL I 113 -15.56 -12.28 26.02
N LEU I 114 -14.32 -12.68 25.72
CA LEU I 114 -13.93 -14.09 25.73
C LEU I 114 -13.53 -14.60 27.13
N LEU I 115 -13.28 -13.70 28.06
CA LEU I 115 -12.89 -14.10 29.40
C LEU I 115 -14.04 -14.69 30.22
N PRO I 116 -13.72 -15.53 31.22
CA PRO I 116 -14.63 -16.22 32.14
C PRO I 116 -15.86 -15.50 32.68
N LYS I 117 -16.93 -16.27 32.74
CA LYS I 117 -18.26 -15.90 33.22
C LYS I 117 -19.03 -14.87 32.40
N LYS I 118 -19.63 -15.35 31.32
CA LYS I 118 -20.43 -14.53 30.44
C LYS I 118 -19.71 -13.61 29.47
N THR I 119 -19.80 -12.31 29.73
CA THR I 119 -19.20 -11.30 28.88
C THR I 119 -20.30 -10.66 28.05
N ARG J 28 37.22 -14.98 -3.93
CA ARG J 28 36.74 -14.14 -2.79
C ARG J 28 35.21 -14.10 -2.73
N LYS J 29 34.62 -13.45 -1.72
CA LYS J 29 33.14 -13.40 -1.52
C LYS J 29 32.81 -12.31 -0.51
N ARG J 30 32.37 -11.14 -0.97
CA ARG J 30 32.07 -10.09 0.02
C ARG J 30 30.56 -9.68 0.02
N LYS J 31 30.03 -9.53 1.23
CA LYS J 31 28.63 -9.14 1.44
C LYS J 31 28.51 -8.26 2.67
N GLU J 32 28.34 -6.97 2.42
CA GLU J 32 28.22 -6.02 3.51
C GLU J 32 26.82 -5.88 4.11
N SER J 33 26.79 -5.34 5.33
CA SER J 33 25.55 -5.13 6.06
C SER J 33 25.82 -4.04 7.11
N TYR J 34 24.80 -3.60 7.80
CA TYR J 34 25.00 -2.58 8.81
C TYR J 34 25.28 -3.18 10.17
N ALA J 35 25.41 -4.50 10.23
CA ALA J 35 25.64 -5.20 11.49
C ALA J 35 26.66 -4.58 12.46
N ILE J 36 27.91 -4.38 12.05
CA ILE J 36 28.90 -3.83 12.99
C ILE J 36 28.52 -2.47 13.50
N TYR J 37 27.87 -1.66 12.67
CA TYR J 37 27.47 -0.32 13.08
C TYR J 37 26.29 -0.39 14.01
N ILE J 38 25.41 -1.34 13.77
CA ILE J 38 24.24 -1.46 14.63
C ILE J 38 24.76 -1.83 16.01
N TYR J 39 25.67 -2.80 16.02
CA TYR J 39 26.29 -3.30 17.25
C TYR J 39 26.91 -2.16 18.06
N LYS J 40 27.61 -1.25 17.40
CA LYS J 40 28.22 -0.12 18.08
C LYS J 40 27.15 0.73 18.73
N VAL J 41 26.11 1.03 17.97
CA VAL J 41 25.01 1.85 18.48
C VAL J 41 24.39 1.16 19.69
N LEU J 42 24.30 -0.16 19.65
CA LEU J 42 23.77 -0.91 20.77
C LEU J 42 24.61 -0.67 22.02
N LYS J 43 25.93 -0.88 21.91
CA LYS J 43 26.85 -0.71 23.04
C LYS J 43 26.75 0.67 23.70
N GLN J 44 26.51 1.70 22.90
CA GLN J 44 26.37 3.06 23.43
C GLN J 44 25.19 3.11 24.41
N VAL J 45 24.00 2.82 23.91
CA VAL J 45 22.80 2.87 24.72
C VAL J 45 22.69 1.76 25.76
N HIS J 46 23.27 0.60 25.47
CA HIS J 46 23.24 -0.54 26.41
C HIS J 46 24.56 -1.26 26.30
N PRO J 47 25.55 -0.81 27.08
CA PRO J 47 26.92 -1.37 27.11
C PRO J 47 27.01 -2.82 27.49
N ASP J 48 26.10 -3.30 28.33
CA ASP J 48 26.17 -4.68 28.79
C ASP J 48 25.07 -5.59 28.23
N THR J 49 24.53 -5.22 27.06
CA THR J 49 23.47 -6.00 26.41
C THR J 49 23.92 -6.51 25.05
N GLY J 50 23.69 -7.78 24.77
CA GLY J 50 24.06 -8.36 23.48
C GLY J 50 22.85 -8.48 22.56
N ILE J 51 23.06 -8.97 21.35
CA ILE J 51 21.96 -9.12 20.39
C ILE J 51 22.16 -10.40 19.60
N SER J 52 21.13 -11.23 19.54
CA SER J 52 21.26 -12.48 18.80
C SER J 52 21.37 -12.21 17.29
N SER J 53 21.88 -13.17 16.55
CA SER J 53 22.04 -13.03 15.10
C SER J 53 20.71 -12.79 14.40
N LYS J 54 19.68 -13.56 14.74
CA LYS J 54 18.38 -13.33 14.12
C LYS J 54 17.92 -11.89 14.37
N ALA J 55 18.15 -11.37 15.57
CA ALA J 55 17.72 -10.00 15.89
C ALA J 55 18.56 -8.99 15.16
N MET J 56 19.80 -9.35 14.90
CA MET J 56 20.69 -8.44 14.20
C MET J 56 20.20 -8.38 12.76
N SER J 57 19.82 -9.54 12.25
CA SER J 57 19.33 -9.61 10.89
C SER J 57 18.11 -8.71 10.76
N ILE J 58 17.19 -8.80 11.72
CA ILE J 58 15.99 -7.95 11.71
C ILE J 58 16.36 -6.48 11.76
N MET J 59 17.37 -6.11 12.56
CA MET J 59 17.80 -4.71 12.63
C MET J 59 18.40 -4.22 11.32
N ASN J 60 19.10 -5.12 10.63
CA ASN J 60 19.73 -4.80 9.37
C ASN J 60 18.62 -4.53 8.31
N SER J 61 17.62 -5.42 8.29
CA SER J 61 16.48 -5.25 7.39
C SER J 61 15.85 -3.91 7.77
N PHE J 62 15.63 -3.69 9.06
CA PHE J 62 15.05 -2.42 9.51
C PHE J 62 15.81 -1.22 8.96
N VAL J 63 17.12 -1.18 9.18
CA VAL J 63 17.91 -0.06 8.68
C VAL J 63 17.88 0.03 7.15
N ASN J 64 18.01 -1.10 6.45
CA ASN J 64 17.92 -1.06 4.98
C ASN J 64 16.58 -0.51 4.51
N ASP J 65 15.52 -0.93 5.19
CA ASP J 65 14.18 -0.48 4.83
C ASP J 65 14.07 1.03 5.03
N ILE J 66 14.60 1.56 6.12
CA ILE J 66 14.51 3.01 6.35
C ILE J 66 15.25 3.74 5.27
N PHE J 67 16.43 3.24 4.94
CA PHE J 67 17.23 3.85 3.90
C PHE J 67 16.40 3.92 2.62
N GLU J 68 15.88 2.77 2.19
CA GLU J 68 15.13 2.71 0.95
C GLU J 68 13.88 3.61 0.94
N ARG J 69 13.10 3.61 2.01
CA ARG J 69 11.93 4.48 2.01
C ARG J 69 12.31 5.95 1.93
N ILE J 70 13.31 6.38 2.68
CA ILE J 70 13.69 7.79 2.62
C ILE J 70 14.31 8.13 1.29
N ALA J 71 15.26 7.32 0.82
CA ALA J 71 15.89 7.57 -0.48
C ALA J 71 14.84 7.67 -1.62
N ALA J 72 13.90 6.73 -1.69
CA ALA J 72 12.91 6.79 -2.76
C ALA J 72 12.06 8.05 -2.71
N GLU J 73 11.62 8.43 -1.51
CA GLU J 73 10.80 9.64 -1.38
C GLU J 73 11.64 10.87 -1.74
N ALA J 74 12.92 10.87 -1.35
CA ALA J 74 13.79 12.00 -1.66
C ALA J 74 13.93 12.07 -3.17
N SER J 75 13.95 10.89 -3.78
CA SER J 75 14.05 10.79 -5.22
C SER J 75 12.82 11.43 -5.80
N ARG J 76 11.64 11.04 -5.33
CA ARG J 76 10.41 11.64 -5.81
C ARG J 76 10.38 13.17 -5.69
N LEU J 77 10.66 13.71 -4.50
CA LEU J 77 10.63 15.16 -4.33
C LEU J 77 11.55 15.86 -5.32
N ALA J 78 12.75 15.33 -5.54
CA ALA J 78 13.65 15.99 -6.49
C ALA J 78 13.03 15.92 -7.89
N HIS J 79 12.49 14.78 -8.28
CA HIS J 79 11.89 14.68 -9.61
C HIS J 79 10.70 15.61 -9.75
N TYR J 80 9.83 15.67 -8.75
CA TYR J 80 8.67 16.54 -8.83
C TYR J 80 9.06 17.99 -9.03
N ASN J 81 10.21 18.37 -8.49
CA ASN J 81 10.67 19.74 -8.58
C ASN J 81 11.71 20.02 -9.65
N LYS J 82 11.94 19.02 -10.50
CA LYS J 82 12.90 19.16 -11.59
C LYS J 82 14.33 19.41 -11.13
N ARG J 83 14.69 18.86 -9.97
CA ARG J 83 16.03 18.99 -9.42
C ARG J 83 16.76 17.72 -9.81
N SER J 84 18.05 17.82 -10.04
CA SER J 84 18.85 16.67 -10.41
C SER J 84 19.67 16.23 -9.21
N THR J 85 19.59 17.01 -8.14
CA THR J 85 20.35 16.73 -6.93
C THR J 85 19.49 16.35 -5.73
N ILE J 86 19.87 15.29 -5.03
CA ILE J 86 19.21 14.94 -3.79
C ILE J 86 20.11 15.55 -2.69
N THR J 87 19.65 16.62 -2.08
CA THR J 87 20.39 17.31 -1.01
C THR J 87 19.73 17.02 0.34
N SER J 88 20.40 17.39 1.42
CA SER J 88 19.85 17.17 2.75
C SER J 88 18.44 17.76 2.91
N ARG J 89 18.09 18.72 2.07
CA ARG J 89 16.77 19.31 2.16
C ARG J 89 15.72 18.26 1.74
N GLU J 90 15.99 17.51 0.67
CA GLU J 90 15.07 16.47 0.23
C GLU J 90 14.98 15.39 1.31
N ILE J 91 16.09 15.09 1.96
CA ILE J 91 16.03 14.07 3.00
C ILE J 91 15.12 14.53 4.12
N GLN J 92 15.24 15.81 4.48
CA GLN J 92 14.43 16.35 5.57
C GLN J 92 12.95 16.20 5.28
N THR J 93 12.50 16.72 4.14
CA THR J 93 11.11 16.61 3.76
C THR J 93 10.69 15.14 3.71
N ALA J 94 11.52 14.28 3.12
CA ALA J 94 11.18 12.87 3.03
C ALA J 94 10.95 12.35 4.42
N VAL J 95 11.79 12.75 5.38
CA VAL J 95 11.61 12.29 6.75
C VAL J 95 10.32 12.88 7.34
N ARG J 96 9.96 14.10 6.96
CA ARG J 96 8.74 14.64 7.53
C ARG J 96 7.52 13.89 7.01
N LEU J 97 7.57 13.46 5.76
CA LEU J 97 6.47 12.74 5.16
C LEU J 97 6.39 11.28 5.61
N LEU J 98 7.53 10.67 5.94
CA LEU J 98 7.55 9.27 6.28
C LEU J 98 7.47 8.88 7.74
N LEU J 99 8.05 9.70 8.62
CA LEU J 99 8.03 9.35 10.04
C LEU J 99 6.91 10.02 10.81
N PRO J 100 6.24 9.27 11.70
CA PRO J 100 5.14 9.78 12.52
C PRO J 100 5.64 10.92 13.41
N GLY J 101 4.72 11.82 13.74
CA GLY J 101 5.02 12.98 14.57
C GLY J 101 6.33 13.07 15.33
N GLU J 102 6.36 12.59 16.57
CA GLU J 102 7.55 12.69 17.37
C GLU J 102 8.81 12.12 16.85
N LEU J 103 8.72 10.96 16.23
CA LEU J 103 9.91 10.36 15.63
C LEU J 103 10.46 11.35 14.56
N ALA J 104 9.56 11.99 13.80
CA ALA J 104 9.95 12.97 12.79
C ALA J 104 10.67 14.14 13.44
N LYS J 105 10.08 14.69 14.50
CA LYS J 105 10.67 15.85 15.18
C LYS J 105 12.14 15.54 15.51
N HIS J 106 12.34 14.43 16.22
CA HIS J 106 13.67 13.97 16.64
C HIS J 106 14.64 13.62 15.51
N ALA J 107 14.18 12.86 14.52
CA ALA J 107 15.03 12.47 13.42
C ALA J 107 15.49 13.70 12.67
N VAL J 108 14.65 14.73 12.63
CA VAL J 108 15.05 15.96 11.96
C VAL J 108 16.15 16.64 12.79
N SER J 109 16.05 16.56 14.11
CA SER J 109 17.07 17.14 14.99
C SER J 109 18.37 16.39 14.73
N GLU J 110 18.33 15.08 14.94
CA GLU J 110 19.51 14.27 14.71
C GLU J 110 20.10 14.60 13.35
N GLY J 111 19.27 14.74 12.35
CA GLY J 111 19.75 15.05 11.02
C GLY J 111 20.45 16.39 10.93
N THR J 112 19.73 17.45 11.29
CA THR J 112 20.29 18.80 11.26
C THR J 112 21.56 18.89 12.09
N LYS J 113 21.54 18.27 13.26
CA LYS J 113 22.70 18.27 14.14
C LYS J 113 23.95 17.67 13.47
N ALA J 114 23.76 16.55 12.78
CA ALA J 114 24.90 15.89 12.13
C ALA J 114 25.42 16.64 10.92
N VAL J 115 24.56 17.37 10.24
CA VAL J 115 25.03 18.10 9.07
C VAL J 115 25.79 19.32 9.54
N THR J 116 25.29 19.96 10.58
CA THR J 116 25.93 21.14 11.11
C THR J 116 27.29 20.77 11.71
N LYS J 117 27.34 19.75 12.57
CA LYS J 117 28.61 19.31 13.12
C LYS J 117 29.58 19.04 11.97
N TYR J 118 29.14 18.24 11.02
CA TYR J 118 29.94 17.88 9.85
C TYR J 118 30.43 19.10 9.05
N THR J 119 29.61 20.14 8.97
CA THR J 119 29.99 21.33 8.22
C THR J 119 31.11 22.13 8.87
N SER J 120 31.01 22.33 10.16
CA SER J 120 32.03 23.07 10.89
C SER J 120 33.31 22.25 10.97
N SER J 121 33.66 21.55 9.88
CA SER J 121 34.86 20.73 9.89
C SER J 121 35.74 20.65 8.63
N LYS J 122 36.84 19.92 8.84
CA LYS J 122 37.94 19.60 7.91
C LYS J 122 39.24 19.67 8.71
#